data_1CL2
#
_entry.id   1CL2
#
_cell.length_a   61.100
_cell.length_b   154.700
_cell.length_c   152.300
_cell.angle_alpha   90.00
_cell.angle_beta   90.00
_cell.angle_gamma   90.00
#
_symmetry.space_group_name_H-M   'C 2 2 21'
#
loop_
_entity.id
_entity.type
_entity.pdbx_description
1 polymer 'CYSTATHIONINE BETA-LYASE'
2 non-polymer '(2E,3E)-4-(2-aminoethoxy)-2-[({3-hydroxy-2-methyl-5-[(phosphonooxy)methyl]pyridin-4-yl}methyl)imino]but-3-enoic acid'
3 water water
#
_entity_poly.entity_id   1
_entity_poly.type   'polypeptide(L)'
_entity_poly.pdbx_seq_one_letter_code
;MADKKLDTQLVNAGRSKKYTLGAVNSVIQRASSLVFDSVEAKKHATRNRANGELFYGRRGTLTHFSLQQAMCELEGGAGC
VLFPCGAAAVANSILAFIEQGDHVLMTNTAYEPSQDFCSKILSKLGVTTSWFDPLIGADIVKHLQPNTKIVFLESPGSIT
MEVHDVPAIVAAVRSVVPDAIIMIDNTWAAGVLFKALDFGIDVSIQAATKYLVGHSDAMIGTAVCNARCWEQLRENAYLM
GQMVDADTAYITSRGLRTLGVRLRQHHESSLKVAEWLAEHPQVARVNHPALPGSKGHEFWKRDFTGSSGLFSFVLKKKLN
NEELANYLDNFSLFSMAYSWGGYESLILANQPEHIAAIRPQGEIDFSGTLIRLHIGLEDVDDLIADLDAGFARIV
;
_entity_poly.pdbx_strand_id   A,B
#
# COMPACT_ATOMS: atom_id res chain seq x y z
N LYS A 5 -18.11 -26.08 -10.74
CA LYS A 5 -16.84 -25.99 -9.97
C LYS A 5 -16.02 -24.72 -10.25
N LEU A 6 -16.51 -23.83 -11.12
CA LEU A 6 -15.78 -22.59 -11.39
C LEU A 6 -15.54 -21.82 -10.08
N ASP A 7 -16.59 -21.72 -9.26
CA ASP A 7 -16.53 -21.00 -7.99
C ASP A 7 -15.47 -21.55 -7.08
N THR A 8 -15.35 -22.87 -7.07
CA THR A 8 -14.35 -23.54 -6.26
C THR A 8 -12.94 -23.29 -6.79
N GLN A 9 -12.80 -23.30 -8.11
CA GLN A 9 -11.51 -23.04 -8.75
C GLN A 9 -11.08 -21.63 -8.42
N LEU A 10 -11.95 -20.67 -8.66
CA LEU A 10 -11.64 -19.29 -8.40
C LEU A 10 -11.17 -19.02 -6.97
N VAL A 11 -11.78 -19.69 -6.00
CA VAL A 11 -11.40 -19.53 -4.62
C VAL A 11 -10.04 -20.15 -4.35
N ASN A 12 -9.77 -21.29 -4.97
CA ASN A 12 -8.53 -22.00 -4.74
C ASN A 12 -7.29 -21.80 -5.60
N ALA A 13 -7.47 -21.30 -6.83
CA ALA A 13 -6.37 -21.08 -7.79
C ALA A 13 -5.14 -20.32 -7.30
N GLY A 14 -3.99 -20.95 -7.47
CA GLY A 14 -2.72 -20.36 -7.10
C GLY A 14 -2.41 -20.30 -5.62
N ARG A 15 -3.28 -20.90 -4.81
CA ARG A 15 -3.10 -20.85 -3.37
C ARG A 15 -2.41 -22.08 -2.80
N SER A 16 -1.15 -22.28 -3.15
CA SER A 16 -0.36 -23.40 -2.63
C SER A 16 0.32 -22.87 -1.39
N LYS A 17 0.68 -23.77 -0.47
CA LYS A 17 1.32 -23.34 0.75
C LYS A 17 2.66 -22.66 0.47
N LYS A 18 3.28 -23.03 -0.65
CA LYS A 18 4.56 -22.45 -1.07
C LYS A 18 4.42 -20.94 -1.20
N TYR A 19 3.23 -20.49 -1.58
CA TYR A 19 2.95 -19.07 -1.77
C TYR A 19 2.25 -18.38 -0.61
N THR A 20 1.45 -19.12 0.16
CA THR A 20 0.67 -18.58 1.28
C THR A 20 1.41 -18.62 2.62
N LEU A 21 2.21 -19.67 2.81
CA LEU A 21 2.97 -19.87 4.04
C LEU A 21 2.08 -19.89 5.27
N GLY A 22 0.91 -20.50 5.14
CA GLY A 22 0.00 -20.57 6.26
C GLY A 22 -1.14 -19.59 6.13
N ALA A 23 -0.94 -18.47 5.44
CA ALA A 23 -2.02 -17.49 5.29
C ALA A 23 -3.04 -17.99 4.25
N VAL A 24 -4.17 -17.30 4.12
CA VAL A 24 -5.19 -17.65 3.15
C VAL A 24 -4.70 -17.13 1.78
N ASN A 25 -4.33 -15.84 1.73
CA ASN A 25 -3.82 -15.24 0.50
C ASN A 25 -2.30 -15.44 0.41
N SER A 26 -1.72 -15.30 -0.78
CA SER A 26 -0.26 -15.47 -0.95
C SER A 26 0.47 -14.31 -0.26
N VAL A 27 1.71 -14.54 0.17
CA VAL A 27 2.46 -13.45 0.80
C VAL A 27 2.87 -12.45 -0.26
N ILE A 28 3.10 -11.23 0.17
CA ILE A 28 3.54 -10.19 -0.75
C ILE A 28 5.06 -10.13 -0.56
N GLN A 29 5.80 -10.60 -1.57
CA GLN A 29 7.26 -10.56 -1.53
C GLN A 29 7.75 -9.45 -2.48
N ARG A 30 8.08 -8.28 -1.93
CA ARG A 30 8.58 -7.16 -2.72
C ARG A 30 10.08 -7.33 -2.86
N ALA A 31 10.58 -7.34 -4.10
CA ALA A 31 12.00 -7.53 -4.28
C ALA A 31 12.50 -7.27 -5.69
N SER A 32 13.75 -6.82 -5.74
CA SER A 32 14.45 -6.68 -7.01
C SER A 32 15.49 -7.77 -6.75
N SER A 33 16.39 -7.54 -5.78
CA SER A 33 17.43 -8.52 -5.43
C SER A 33 16.83 -9.75 -4.75
N LEU A 34 17.29 -10.93 -5.17
CA LEU A 34 16.90 -12.21 -4.57
C LEU A 34 18.24 -12.87 -4.25
N VAL A 35 18.42 -13.23 -2.99
CA VAL A 35 19.66 -13.81 -2.44
C VAL A 35 19.88 -15.30 -2.66
N PHE A 36 21.11 -15.66 -3.04
CA PHE A 36 21.47 -17.07 -3.26
C PHE A 36 22.38 -17.44 -2.08
N ASP A 37 22.03 -18.51 -1.39
CA ASP A 37 22.80 -18.98 -0.24
C ASP A 37 24.19 -19.45 -0.65
N SER A 38 24.26 -20.07 -1.83
CA SER A 38 25.53 -20.58 -2.33
C SER A 38 25.65 -20.49 -3.84
N VAL A 39 26.85 -20.79 -4.33
CA VAL A 39 27.15 -20.81 -5.76
C VAL A 39 26.24 -21.88 -6.39
N GLU A 40 26.10 -23.03 -5.72
CA GLU A 40 25.26 -24.10 -6.21
C GLU A 40 23.82 -23.61 -6.31
N ALA A 41 23.34 -22.94 -5.26
CA ALA A 41 21.97 -22.42 -5.26
C ALA A 41 21.79 -21.45 -6.42
N LYS A 42 22.77 -20.56 -6.59
CA LYS A 42 22.72 -19.58 -7.66
C LYS A 42 22.64 -20.25 -9.04
N LYS A 43 23.44 -21.30 -9.25
CA LYS A 43 23.46 -22.05 -10.51
C LYS A 43 22.07 -22.67 -10.76
N HIS A 44 21.52 -23.27 -9.71
CA HIS A 44 20.21 -23.89 -9.80
C HIS A 44 19.12 -22.88 -10.17
N ALA A 45 19.14 -21.72 -9.50
CA ALA A 45 18.14 -20.69 -9.75
C ALA A 45 18.25 -20.16 -11.17
N THR A 46 19.49 -20.00 -11.64
CA THR A 46 19.78 -19.51 -12.98
C THR A 46 19.13 -20.42 -14.01
N ARG A 47 19.39 -21.71 -13.89
CA ARG A 47 18.85 -22.70 -14.79
C ARG A 47 17.31 -22.72 -14.76
N ASN A 48 16.72 -22.43 -13.60
CA ASN A 48 15.27 -22.45 -13.49
C ASN A 48 14.66 -21.08 -13.35
N ARG A 49 15.36 -20.06 -13.83
CA ARG A 49 14.91 -18.68 -13.71
C ARG A 49 13.59 -18.40 -14.35
N ALA A 50 13.23 -19.20 -15.35
CA ALA A 50 11.94 -19.04 -16.03
C ALA A 50 10.97 -20.17 -15.64
N ASN A 51 11.37 -21.01 -14.69
CA ASN A 51 10.54 -22.12 -14.23
C ASN A 51 10.17 -22.00 -12.75
N GLY A 52 9.72 -20.83 -12.34
CA GLY A 52 9.32 -20.61 -10.96
C GLY A 52 10.34 -20.68 -9.84
N GLU A 53 11.61 -20.50 -10.13
CA GLU A 53 12.61 -20.49 -9.08
C GLU A 53 12.97 -19.03 -8.83
N LEU A 54 13.10 -18.64 -7.57
CA LEU A 54 13.44 -17.26 -7.23
C LEU A 54 14.81 -16.92 -7.82
N PHE A 55 14.83 -15.90 -8.66
CA PHE A 55 16.06 -15.52 -9.33
C PHE A 55 16.33 -14.01 -9.31
N TYR A 56 15.36 -13.24 -9.79
CA TYR A 56 15.50 -11.79 -9.84
C TYR A 56 14.10 -11.19 -9.99
N GLY A 57 13.87 -10.06 -9.33
CA GLY A 57 12.59 -9.38 -9.36
C GLY A 57 11.93 -9.15 -10.71
N ARG A 58 12.74 -8.94 -11.76
CA ARG A 58 12.18 -8.71 -13.11
C ARG A 58 11.44 -9.98 -13.60
N ARG A 59 11.91 -11.15 -13.17
CA ARG A 59 11.26 -12.40 -13.52
C ARG A 59 10.04 -12.60 -12.60
N GLY A 60 10.13 -12.11 -11.36
CA GLY A 60 9.04 -12.25 -10.41
C GLY A 60 9.42 -12.87 -9.08
N THR A 61 8.53 -12.70 -8.11
CA THR A 61 8.70 -13.25 -6.78
C THR A 61 7.55 -14.26 -6.55
N LEU A 62 7.50 -14.88 -5.37
CA LEU A 62 6.43 -15.83 -5.01
C LEU A 62 5.04 -15.27 -5.33
N THR A 63 4.86 -13.97 -5.11
CA THR A 63 3.58 -13.34 -5.36
C THR A 63 3.18 -13.41 -6.83
N HIS A 64 4.17 -13.25 -7.72
CA HIS A 64 3.90 -13.31 -9.17
C HIS A 64 3.60 -14.74 -9.58
N PHE A 65 4.38 -15.68 -9.06
CA PHE A 65 4.22 -17.11 -9.38
C PHE A 65 2.82 -17.61 -9.01
N SER A 66 2.31 -17.18 -7.84
CA SER A 66 0.98 -17.56 -7.39
C SER A 66 -0.07 -17.08 -8.40
N LEU A 67 0.02 -15.83 -8.83
CA LEU A 67 -0.92 -15.30 -9.82
C LEU A 67 -0.79 -16.03 -11.17
N GLN A 68 0.44 -16.28 -11.63
CA GLN A 68 0.65 -16.98 -12.88
C GLN A 68 0.01 -18.37 -12.87
N GLN A 69 0.19 -19.11 -11.78
CA GLN A 69 -0.38 -20.44 -11.63
C GLN A 69 -1.91 -20.37 -11.70
N ALA A 70 -2.48 -19.38 -11.02
CA ALA A 70 -3.92 -19.19 -11.00
C ALA A 70 -4.47 -18.92 -12.40
N MET A 71 -3.81 -18.01 -13.13
CA MET A 71 -4.24 -17.64 -14.49
C MET A 71 -4.15 -18.83 -15.43
N CYS A 72 -3.10 -19.62 -15.31
CA CYS A 72 -2.93 -20.80 -16.15
C CYS A 72 -4.00 -21.82 -15.86
N GLU A 73 -4.36 -22.06 -14.60
CA GLU A 73 -5.41 -23.04 -14.36
C GLU A 73 -6.79 -22.54 -14.73
N LEU A 74 -7.03 -21.24 -14.59
CA LEU A 74 -8.34 -20.71 -14.95
C LEU A 74 -8.54 -20.67 -16.47
N GLU A 75 -7.51 -20.29 -17.21
CA GLU A 75 -7.62 -20.20 -18.67
C GLU A 75 -7.07 -21.41 -19.43
N GLY A 76 -6.51 -22.38 -18.70
CA GLY A 76 -5.97 -23.58 -19.31
C GLY A 76 -4.75 -23.42 -20.22
N GLY A 77 -3.81 -22.58 -19.81
CA GLY A 77 -2.64 -22.34 -20.63
C GLY A 77 -1.38 -22.99 -20.12
N ALA A 78 -0.31 -22.90 -20.92
CA ALA A 78 0.99 -23.45 -20.55
C ALA A 78 1.79 -22.45 -19.71
N GLY A 79 1.50 -21.16 -19.87
CA GLY A 79 2.20 -20.15 -19.08
C GLY A 79 1.42 -18.85 -19.15
N CYS A 80 1.78 -17.90 -18.29
CA CYS A 80 1.10 -16.60 -18.23
C CYS A 80 2.17 -15.53 -18.10
N VAL A 81 2.08 -14.51 -18.94
CA VAL A 81 3.03 -13.42 -18.93
C VAL A 81 2.26 -12.21 -18.43
N LEU A 82 2.92 -11.44 -17.56
CA LEU A 82 2.31 -10.27 -16.92
C LEU A 82 2.83 -8.95 -17.47
N PHE A 83 1.95 -7.94 -17.49
CA PHE A 83 2.27 -6.62 -18.01
C PHE A 83 1.74 -5.51 -17.10
N PRO A 84 2.20 -4.26 -17.30
CA PRO A 84 1.80 -3.08 -16.53
C PRO A 84 0.32 -2.76 -16.71
N CYS A 85 -0.21 -3.04 -17.89
CA CYS A 85 -1.60 -2.77 -18.17
C CYS A 85 -2.04 -3.60 -19.39
N GLY A 86 -3.32 -3.59 -19.71
CA GLY A 86 -3.81 -4.34 -20.85
C GLY A 86 -3.20 -3.84 -22.16
N ALA A 87 -3.08 -2.53 -22.29
CA ALA A 87 -2.49 -1.92 -23.47
C ALA A 87 -1.05 -2.43 -23.68
N ALA A 88 -0.32 -2.68 -22.59
CA ALA A 88 1.05 -3.18 -22.73
C ALA A 88 1.00 -4.65 -23.11
N ALA A 89 -0.01 -5.37 -22.63
CA ALA A 89 -0.16 -6.78 -22.94
C ALA A 89 -0.42 -6.95 -24.45
N VAL A 90 -1.22 -6.06 -25.02
CA VAL A 90 -1.54 -6.11 -26.44
C VAL A 90 -0.32 -5.77 -27.29
N ALA A 91 0.21 -4.56 -27.11
CA ALA A 91 1.35 -4.11 -27.87
C ALA A 91 2.54 -5.06 -27.80
N ASN A 92 2.90 -5.53 -26.61
CA ASN A 92 4.04 -6.41 -26.49
C ASN A 92 3.82 -7.83 -26.95
N SER A 93 2.60 -8.34 -26.85
CA SER A 93 2.30 -9.70 -27.29
C SER A 93 2.43 -9.75 -28.82
N ILE A 94 1.94 -8.70 -29.48
CA ILE A 94 2.04 -8.60 -30.92
C ILE A 94 3.53 -8.48 -31.30
N LEU A 95 4.23 -7.55 -30.66
CA LEU A 95 5.66 -7.30 -30.93
C LEU A 95 6.57 -8.52 -30.75
N ALA A 96 6.20 -9.44 -29.88
CA ALA A 96 7.01 -10.63 -29.63
C ALA A 96 7.06 -11.62 -30.78
N PHE A 97 6.10 -11.50 -31.70
CA PHE A 97 6.04 -12.43 -32.81
C PHE A 97 6.33 -11.86 -34.19
N ILE A 98 6.22 -10.54 -34.34
CA ILE A 98 6.46 -9.90 -35.63
C ILE A 98 7.93 -9.65 -35.99
N GLU A 99 8.14 -9.48 -37.29
CA GLU A 99 9.44 -9.21 -37.90
C GLU A 99 9.14 -8.37 -39.12
N GLN A 100 10.13 -7.58 -39.48
CA GLN A 100 10.06 -6.70 -40.64
C GLN A 100 9.54 -7.57 -41.81
N GLY A 101 8.53 -7.08 -42.53
CA GLY A 101 7.98 -7.83 -43.63
C GLY A 101 6.71 -8.62 -43.32
N ASP A 102 6.33 -8.70 -42.04
CA ASP A 102 5.12 -9.43 -41.68
C ASP A 102 3.86 -8.63 -41.88
N HIS A 103 2.74 -9.33 -41.87
CA HIS A 103 1.45 -8.70 -42.02
C HIS A 103 0.61 -9.05 -40.78
N VAL A 104 -0.13 -8.08 -40.26
CA VAL A 104 -1.00 -8.27 -39.10
C VAL A 104 -2.43 -8.02 -39.55
N LEU A 105 -3.31 -8.98 -39.32
CA LEU A 105 -4.71 -8.83 -39.70
C LEU A 105 -5.45 -8.63 -38.39
N MET A 106 -6.13 -7.50 -38.22
CA MET A 106 -6.83 -7.20 -36.96
C MET A 106 -8.29 -6.83 -37.17
N THR A 107 -9.18 -7.29 -36.28
CA THR A 107 -10.61 -6.95 -36.41
C THR A 107 -10.76 -5.42 -36.32
N ASN A 108 -11.63 -4.83 -37.13
CA ASN A 108 -11.75 -3.37 -37.10
C ASN A 108 -12.49 -2.82 -35.88
N THR A 109 -12.95 -3.72 -35.02
CA THR A 109 -13.65 -3.35 -33.80
C THR A 109 -12.71 -3.41 -32.59
N ALA A 110 -11.41 -3.59 -32.85
CA ALA A 110 -10.42 -3.65 -31.77
C ALA A 110 -10.38 -2.34 -31.00
N TYR A 111 -10.01 -2.44 -29.73
CA TYR A 111 -9.85 -1.29 -28.86
C TYR A 111 -8.95 -0.30 -29.61
N GLU A 112 -9.37 0.96 -29.74
CA GLU A 112 -8.62 1.95 -30.50
C GLU A 112 -7.12 1.98 -30.33
N PRO A 113 -6.60 2.05 -29.09
CA PRO A 113 -5.14 2.06 -28.96
C PRO A 113 -4.44 0.82 -29.56
N SER A 114 -5.12 -0.33 -29.65
CA SER A 114 -4.51 -1.52 -30.23
C SER A 114 -4.33 -1.28 -31.72
N GLN A 115 -5.26 -0.54 -32.31
CA GLN A 115 -5.21 -0.19 -33.71
C GLN A 115 -4.08 0.82 -33.93
N ASP A 116 -4.04 1.85 -33.07
CA ASP A 116 -3.01 2.89 -33.14
C ASP A 116 -1.62 2.31 -32.99
N PHE A 117 -1.45 1.34 -32.12
CA PHE A 117 -0.15 0.73 -31.97
C PHE A 117 0.29 0.17 -33.35
N CYS A 118 -0.62 -0.52 -34.02
CA CYS A 118 -0.32 -1.10 -35.33
C CYS A 118 0.02 -0.08 -36.41
N SER A 119 -0.82 0.92 -36.56
CA SER A 119 -0.62 1.93 -37.58
C SER A 119 0.42 2.99 -37.29
N LYS A 120 0.81 3.14 -36.03
CA LYS A 120 1.80 4.15 -35.65
C LYS A 120 3.17 3.62 -35.32
N ILE A 121 3.21 2.47 -34.66
CA ILE A 121 4.51 1.90 -34.29
C ILE A 121 4.95 0.84 -35.29
N LEU A 122 4.11 -0.17 -35.51
CA LEU A 122 4.46 -1.26 -36.40
C LEU A 122 4.75 -0.78 -37.81
N SER A 123 3.99 0.18 -38.31
CA SER A 123 4.23 0.64 -39.67
C SER A 123 5.68 1.09 -39.91
N LYS A 124 6.26 1.83 -38.96
CA LYS A 124 7.62 2.32 -39.09
C LYS A 124 8.68 1.22 -38.93
N LEU A 125 8.24 0.00 -38.63
CA LEU A 125 9.16 -1.12 -38.47
C LEU A 125 9.00 -2.14 -39.60
N GLY A 126 8.40 -1.69 -40.71
CA GLY A 126 8.21 -2.54 -41.86
C GLY A 126 7.16 -3.61 -41.71
N VAL A 127 6.17 -3.37 -40.86
CA VAL A 127 5.09 -4.35 -40.68
C VAL A 127 3.85 -3.64 -41.18
N THR A 128 3.03 -4.34 -41.97
CA THR A 128 1.80 -3.73 -42.46
C THR A 128 0.60 -4.34 -41.74
N THR A 129 -0.48 -3.57 -41.60
CA THR A 129 -1.66 -4.08 -40.94
C THR A 129 -2.88 -3.81 -41.79
N SER A 130 -3.78 -4.77 -41.90
CA SER A 130 -5.02 -4.56 -42.61
C SER A 130 -6.10 -4.98 -41.62
N TRP A 131 -7.33 -4.51 -41.81
CA TRP A 131 -8.41 -4.77 -40.87
C TRP A 131 -9.55 -5.54 -41.47
N PHE A 132 -10.34 -6.20 -40.63
CA PHE A 132 -11.46 -6.98 -41.11
C PHE A 132 -12.74 -6.84 -40.29
N ASP A 133 -13.87 -7.08 -40.95
CA ASP A 133 -15.19 -7.01 -40.34
C ASP A 133 -15.34 -8.15 -39.33
N PRO A 134 -15.85 -7.83 -38.13
CA PRO A 134 -16.05 -8.79 -37.03
C PRO A 134 -16.88 -10.01 -37.39
N LEU A 135 -17.86 -9.81 -38.26
CA LEU A 135 -18.78 -10.88 -38.69
C LEU A 135 -18.38 -11.61 -39.98
N ILE A 136 -17.15 -11.40 -40.45
CA ILE A 136 -16.66 -12.02 -41.68
C ILE A 136 -16.70 -13.55 -41.68
N GLY A 137 -16.47 -14.16 -40.52
CA GLY A 137 -16.48 -15.61 -40.43
C GLY A 137 -15.41 -16.27 -41.29
N ALA A 138 -15.79 -17.38 -41.93
CA ALA A 138 -14.86 -18.14 -42.77
C ALA A 138 -14.33 -17.42 -44.01
N ASP A 139 -14.96 -16.30 -44.37
CA ASP A 139 -14.51 -15.53 -45.53
C ASP A 139 -13.26 -14.72 -45.18
N ILE A 140 -12.76 -14.87 -43.97
CA ILE A 140 -11.57 -14.15 -43.58
C ILE A 140 -10.40 -14.55 -44.49
N VAL A 141 -10.54 -15.66 -45.20
CA VAL A 141 -9.50 -16.14 -46.12
C VAL A 141 -9.19 -15.10 -47.18
N LYS A 142 -10.14 -14.22 -47.48
CA LYS A 142 -9.93 -13.15 -48.47
C LYS A 142 -8.95 -12.10 -48.00
N HIS A 143 -8.63 -12.09 -46.70
CA HIS A 143 -7.72 -11.10 -46.16
C HIS A 143 -6.37 -11.67 -45.78
N LEU A 144 -6.26 -12.99 -45.82
CA LEU A 144 -5.01 -13.64 -45.47
C LEU A 144 -3.99 -13.50 -46.58
N GLN A 145 -2.74 -13.25 -46.18
CA GLN A 145 -1.65 -13.09 -47.12
C GLN A 145 -0.64 -14.16 -46.74
N PRO A 146 0.29 -14.48 -47.64
CA PRO A 146 1.28 -15.52 -47.33
C PRO A 146 2.17 -15.08 -46.15
N ASN A 147 2.33 -13.77 -45.99
CA ASN A 147 3.12 -13.22 -44.89
C ASN A 147 2.27 -12.80 -43.68
N THR A 148 1.05 -13.33 -43.58
CA THR A 148 0.20 -13.01 -42.43
C THR A 148 0.76 -13.77 -41.22
N LYS A 149 1.25 -13.01 -40.23
CA LYS A 149 1.85 -13.61 -39.04
C LYS A 149 0.93 -13.67 -37.84
N ILE A 150 0.12 -12.64 -37.69
CA ILE A 150 -0.77 -12.53 -36.55
C ILE A 150 -2.20 -12.19 -36.96
N VAL A 151 -3.17 -12.91 -36.39
CA VAL A 151 -4.59 -12.63 -36.60
C VAL A 151 -5.09 -12.21 -35.21
N PHE A 152 -5.49 -10.96 -35.10
CA PHE A 152 -5.94 -10.40 -33.84
C PHE A 152 -7.45 -10.19 -33.74
N LEU A 153 -8.03 -10.96 -32.81
CA LEU A 153 -9.46 -10.96 -32.53
C LEU A 153 -9.81 -10.17 -31.26
N GLU A 154 -11.06 -9.78 -31.15
CA GLU A 154 -11.59 -9.08 -29.97
C GLU A 154 -13.10 -9.30 -30.03
N SER A 155 -13.60 -10.19 -29.17
CA SER A 155 -15.03 -10.54 -29.12
C SER A 155 -15.53 -10.58 -27.66
N PRO A 156 -16.53 -9.75 -27.33
CA PRO A 156 -17.22 -8.77 -28.15
C PRO A 156 -16.27 -7.66 -28.53
N GLY A 157 -16.59 -6.93 -29.60
CA GLY A 157 -15.75 -5.84 -30.03
C GLY A 157 -15.91 -4.65 -29.12
N SER A 158 -14.91 -3.79 -29.06
CA SER A 158 -14.97 -2.60 -28.22
C SER A 158 -16.09 -1.69 -28.68
N ILE A 159 -16.77 -1.08 -27.70
CA ILE A 159 -17.84 -0.14 -27.95
C ILE A 159 -19.12 -0.66 -28.61
N THR A 160 -19.01 -1.18 -29.83
CA THR A 160 -20.16 -1.66 -30.58
C THR A 160 -20.56 -3.11 -30.27
N MET A 161 -19.68 -3.85 -29.59
CA MET A 161 -19.98 -5.22 -29.12
C MET A 161 -20.23 -6.42 -30.06
N GLU A 162 -19.78 -6.39 -31.30
CA GLU A 162 -20.04 -7.52 -32.21
C GLU A 162 -19.29 -8.73 -31.74
N VAL A 163 -19.93 -9.90 -31.82
CA VAL A 163 -19.28 -11.14 -31.41
C VAL A 163 -18.83 -11.90 -32.67
N HIS A 164 -17.58 -12.38 -32.67
CA HIS A 164 -17.01 -13.14 -33.78
C HIS A 164 -17.52 -14.58 -33.70
N ASP A 165 -17.35 -15.28 -34.80
CA ASP A 165 -17.66 -16.69 -34.89
C ASP A 165 -16.24 -17.24 -34.89
N VAL A 166 -15.64 -17.27 -33.70
CA VAL A 166 -14.27 -17.73 -33.52
C VAL A 166 -13.93 -19.06 -34.18
N PRO A 167 -14.77 -20.07 -34.00
CA PRO A 167 -14.47 -21.37 -34.61
C PRO A 167 -14.30 -21.34 -36.12
N ALA A 168 -15.15 -20.58 -36.80
CA ALA A 168 -15.10 -20.47 -38.26
C ALA A 168 -13.83 -19.72 -38.67
N ILE A 169 -13.53 -18.64 -37.94
CA ILE A 169 -12.33 -17.86 -38.20
C ILE A 169 -11.08 -18.69 -38.00
N VAL A 170 -11.01 -19.43 -36.91
CA VAL A 170 -9.84 -20.25 -36.62
C VAL A 170 -9.58 -21.35 -37.65
N ALA A 171 -10.66 -21.98 -38.12
CA ALA A 171 -10.54 -23.05 -39.13
C ALA A 171 -10.02 -22.49 -40.45
N ALA A 172 -10.59 -21.38 -40.89
CA ALA A 172 -10.18 -20.72 -42.11
C ALA A 172 -8.69 -20.34 -42.06
N VAL A 173 -8.24 -19.78 -40.93
CA VAL A 173 -6.85 -19.37 -40.74
C VAL A 173 -5.89 -20.55 -40.76
N ARG A 174 -6.19 -21.58 -39.99
CA ARG A 174 -5.33 -22.78 -39.92
C ARG A 174 -5.18 -23.47 -41.27
N SER A 175 -6.21 -23.37 -42.10
CA SER A 175 -6.18 -24.02 -43.39
C SER A 175 -5.28 -23.28 -44.40
N VAL A 176 -5.20 -21.95 -44.30
CA VAL A 176 -4.38 -21.16 -45.20
C VAL A 176 -2.99 -20.87 -44.64
N VAL A 177 -2.96 -20.24 -43.45
CA VAL A 177 -1.70 -19.88 -42.78
C VAL A 177 -1.60 -20.62 -41.44
N PRO A 178 -1.24 -21.91 -41.47
CA PRO A 178 -1.11 -22.70 -40.25
C PRO A 178 -0.18 -22.09 -39.18
N ASP A 179 0.88 -21.41 -39.63
CA ASP A 179 1.88 -20.85 -38.74
C ASP A 179 1.50 -19.52 -38.08
N ALA A 180 0.36 -18.97 -38.45
CA ALA A 180 -0.08 -17.71 -37.88
C ALA A 180 -0.32 -17.86 -36.37
N ILE A 181 -0.17 -16.77 -35.65
CA ILE A 181 -0.41 -16.78 -34.22
C ILE A 181 -1.76 -16.11 -34.10
N ILE A 182 -2.74 -16.80 -33.56
CA ILE A 182 -4.06 -16.18 -33.41
C ILE A 182 -4.18 -15.70 -31.97
N MET A 183 -4.45 -14.41 -31.82
CA MET A 183 -4.57 -13.77 -30.51
C MET A 183 -5.94 -13.19 -30.31
N ILE A 184 -6.39 -13.16 -29.06
CA ILE A 184 -7.68 -12.54 -28.76
C ILE A 184 -7.61 -11.70 -27.50
N ASP A 185 -8.21 -10.52 -27.55
CA ASP A 185 -8.33 -9.65 -26.39
C ASP A 185 -9.65 -10.15 -25.75
N ASN A 186 -9.49 -11.04 -24.77
CA ASN A 186 -10.60 -11.69 -24.08
C ASN A 186 -10.96 -10.99 -22.76
N THR A 187 -10.84 -9.67 -22.72
CA THR A 187 -11.14 -8.92 -21.48
C THR A 187 -12.61 -8.92 -21.04
N TRP A 188 -13.53 -8.68 -21.97
CA TRP A 188 -14.94 -8.62 -21.64
C TRP A 188 -15.48 -9.87 -20.95
N ALA A 189 -14.91 -11.01 -21.29
CA ALA A 189 -15.31 -12.30 -20.74
C ALA A 189 -14.49 -12.65 -19.51
N ALA A 190 -13.55 -11.77 -19.16
CA ALA A 190 -12.65 -11.99 -18.04
C ALA A 190 -11.96 -13.34 -18.13
N GLY A 191 -11.72 -13.79 -19.36
CA GLY A 191 -11.04 -15.05 -19.59
C GLY A 191 -11.76 -16.30 -19.15
N VAL A 192 -12.88 -16.16 -18.45
CA VAL A 192 -13.60 -17.34 -17.98
C VAL A 192 -14.92 -17.60 -18.69
N LEU A 193 -15.59 -16.56 -19.15
CA LEU A 193 -16.87 -16.75 -19.84
C LEU A 193 -16.69 -17.23 -21.29
N PHE A 194 -15.45 -17.26 -21.76
CA PHE A 194 -15.13 -17.72 -23.11
C PHE A 194 -13.73 -18.32 -23.01
N LYS A 195 -13.63 -19.64 -23.11
CA LYS A 195 -12.32 -20.25 -23.00
C LYS A 195 -11.55 -20.23 -24.30
N ALA A 196 -10.98 -19.07 -24.63
CA ALA A 196 -10.20 -18.83 -25.86
C ALA A 196 -9.27 -19.96 -26.27
N LEU A 197 -8.46 -20.47 -25.35
CA LEU A 197 -7.52 -21.54 -25.64
C LEU A 197 -8.18 -22.86 -26.05
N ASP A 198 -9.44 -23.06 -25.67
CA ASP A 198 -10.13 -24.27 -26.05
C ASP A 198 -10.63 -24.21 -27.49
N PHE A 199 -10.64 -23.03 -28.09
CA PHE A 199 -11.09 -22.83 -29.46
C PHE A 199 -9.96 -22.79 -30.49
N GLY A 200 -8.74 -23.10 -30.07
CA GLY A 200 -7.61 -23.08 -30.98
C GLY A 200 -6.81 -21.78 -31.00
N ILE A 201 -7.17 -20.84 -30.13
CA ILE A 201 -6.48 -19.55 -30.03
C ILE A 201 -5.18 -19.79 -29.28
N ASP A 202 -4.12 -19.14 -29.74
CA ASP A 202 -2.80 -19.31 -29.16
C ASP A 202 -2.55 -18.50 -27.89
N VAL A 203 -3.02 -17.27 -27.90
CA VAL A 203 -2.81 -16.33 -26.81
C VAL A 203 -4.10 -15.60 -26.43
N SER A 204 -4.46 -15.65 -25.14
CA SER A 204 -5.64 -14.95 -24.65
C SER A 204 -5.09 -13.79 -23.80
N ILE A 205 -5.42 -12.57 -24.21
CA ILE A 205 -4.95 -11.37 -23.55
C ILE A 205 -6.09 -10.74 -22.78
N GLN A 206 -5.75 -10.09 -21.66
CA GLN A 206 -6.73 -9.42 -20.84
C GLN A 206 -6.17 -8.15 -20.20
N ALA A 207 -7.02 -7.14 -20.12
CA ALA A 207 -6.66 -5.95 -19.40
C ALA A 207 -7.28 -6.39 -18.07
N ALA A 208 -6.51 -7.12 -17.26
CA ALA A 208 -6.95 -7.61 -15.95
C ALA A 208 -7.41 -6.42 -15.13
N THR A 209 -7.05 -5.22 -15.60
CA THR A 209 -7.45 -3.95 -15.04
C THR A 209 -8.97 -3.93 -14.84
N LYS A 210 -9.69 -4.62 -15.72
CA LYS A 210 -11.13 -4.66 -15.65
C LYS A 210 -11.73 -5.59 -14.57
N TYR A 211 -12.37 -6.67 -14.98
CA TYR A 211 -13.03 -7.59 -14.07
C TYR A 211 -12.19 -8.41 -13.11
N LEU A 212 -10.92 -8.67 -13.44
CA LEU A 212 -10.10 -9.48 -12.53
C LEU A 212 -9.80 -8.67 -11.26
N VAL A 213 -9.39 -7.41 -11.43
CA VAL A 213 -9.13 -6.52 -10.31
C VAL A 213 -10.51 -6.18 -9.70
N GLY A 214 -11.45 -5.82 -10.57
CA GLY A 214 -12.83 -5.54 -10.18
C GLY A 214 -13.17 -4.36 -9.29
N HIS A 215 -12.19 -3.51 -9.01
CA HIS A 215 -12.41 -2.35 -8.14
C HIS A 215 -11.92 -0.99 -8.65
N SER A 216 -11.46 -0.92 -9.91
CA SER A 216 -11.00 0.34 -10.54
C SER A 216 -9.79 1.01 -9.87
N ASP A 217 -8.92 0.22 -9.26
CA ASP A 217 -7.78 0.78 -8.53
C ASP A 217 -6.43 0.12 -8.77
N ALA A 218 -6.31 -0.64 -9.84
CA ALA A 218 -5.04 -1.29 -10.18
C ALA A 218 -5.05 -1.51 -11.68
N MET A 219 -3.86 -1.49 -12.28
CA MET A 219 -3.71 -1.70 -13.72
C MET A 219 -2.73 -2.84 -13.94
N ILE A 220 -3.14 -3.79 -14.78
CA ILE A 220 -2.32 -4.96 -15.07
C ILE A 220 -2.85 -5.67 -16.32
N GLY A 221 -1.97 -6.36 -17.02
CA GLY A 221 -2.37 -7.09 -18.22
C GLY A 221 -1.80 -8.48 -18.15
N THR A 222 -2.52 -9.43 -18.69
CA THR A 222 -2.08 -10.81 -18.67
C THR A 222 -2.14 -11.37 -20.08
N ALA A 223 -1.32 -12.38 -20.34
CA ALA A 223 -1.32 -13.05 -21.62
C ALA A 223 -1.12 -14.52 -21.32
N VAL A 224 -2.18 -15.32 -21.38
CA VAL A 224 -2.06 -16.76 -21.12
C VAL A 224 -1.86 -17.40 -22.49
N CYS A 225 -0.79 -18.18 -22.62
CA CYS A 225 -0.38 -18.81 -23.87
C CYS A 225 -0.47 -20.29 -23.87
N ASN A 226 -0.55 -20.86 -25.07
CA ASN A 226 -0.56 -22.31 -25.22
C ASN A 226 0.91 -22.69 -25.24
N ALA A 227 1.19 -24.00 -25.22
CA ALA A 227 2.57 -24.50 -25.20
C ALA A 227 3.39 -24.07 -26.41
N ARG A 228 2.72 -23.91 -27.55
CA ARG A 228 3.39 -23.51 -28.77
C ARG A 228 3.95 -22.07 -28.73
N CYS A 229 3.23 -21.13 -28.11
CA CYS A 229 3.67 -19.74 -28.09
C CYS A 229 4.31 -19.20 -26.82
N TRP A 230 4.10 -19.88 -25.71
CA TRP A 230 4.62 -19.38 -24.45
C TRP A 230 6.07 -18.87 -24.38
N GLU A 231 7.03 -19.72 -24.67
CA GLU A 231 8.44 -19.35 -24.59
C GLU A 231 8.86 -18.10 -25.34
N GLN A 232 8.40 -17.95 -26.58
CA GLN A 232 8.75 -16.78 -27.35
C GLN A 232 8.10 -15.54 -26.75
N LEU A 233 6.85 -15.62 -26.33
CA LEU A 233 6.18 -14.47 -25.74
C LEU A 233 6.88 -14.08 -24.45
N ARG A 234 7.11 -15.07 -23.60
CA ARG A 234 7.77 -14.87 -22.31
C ARG A 234 9.13 -14.20 -22.46
N GLU A 235 10.01 -14.84 -23.22
CA GLU A 235 11.36 -14.33 -23.40
C GLU A 235 11.46 -12.98 -24.09
N ASN A 236 10.61 -12.74 -25.10
CA ASN A 236 10.66 -11.45 -25.78
C ASN A 236 10.03 -10.35 -24.95
N ALA A 237 8.97 -10.67 -24.22
CA ALA A 237 8.34 -9.65 -23.37
C ALA A 237 9.38 -9.30 -22.30
N TYR A 238 10.13 -10.29 -21.85
CA TYR A 238 11.18 -10.08 -20.86
C TYR A 238 12.30 -9.12 -21.34
N LEU A 239 12.71 -9.22 -22.61
CA LEU A 239 13.74 -8.33 -23.17
C LEU A 239 13.21 -6.92 -23.28
N MET A 240 11.89 -6.78 -23.26
CA MET A 240 11.28 -5.45 -23.32
C MET A 240 11.09 -4.93 -21.87
N GLY A 241 11.51 -5.75 -20.89
CA GLY A 241 11.41 -5.44 -19.48
C GLY A 241 10.00 -5.36 -18.95
N GLN A 242 9.11 -6.19 -19.49
CA GLN A 242 7.70 -6.17 -19.07
C GLN A 242 7.53 -7.01 -17.82
N MET A 243 6.80 -6.45 -16.86
CA MET A 243 6.53 -7.11 -15.58
C MET A 243 5.48 -6.25 -14.90
N VAL A 244 5.02 -6.68 -13.73
CA VAL A 244 4.06 -5.90 -12.99
C VAL A 244 4.53 -6.00 -11.53
N ASP A 245 4.26 -4.99 -10.72
CA ASP A 245 4.70 -5.01 -9.31
C ASP A 245 4.00 -6.10 -8.48
N ALA A 246 4.68 -6.54 -7.43
CA ALA A 246 4.17 -7.60 -6.54
C ALA A 246 2.81 -7.30 -5.90
N ASP A 247 2.57 -6.04 -5.50
CA ASP A 247 1.30 -5.68 -4.87
C ASP A 247 0.08 -5.78 -5.79
N THR A 248 0.25 -5.35 -7.04
CA THR A 248 -0.78 -5.40 -8.05
C THR A 248 -1.06 -6.87 -8.36
N ALA A 249 -0.02 -7.69 -8.42
CA ALA A 249 -0.19 -9.13 -8.65
C ALA A 249 -1.06 -9.73 -7.53
N TYR A 250 -0.75 -9.32 -6.29
CA TYR A 250 -1.51 -9.74 -5.11
C TYR A 250 -2.97 -9.32 -5.22
N ILE A 251 -3.20 -8.05 -5.55
CA ILE A 251 -4.54 -7.49 -5.70
C ILE A 251 -5.30 -8.18 -6.84
N THR A 252 -4.57 -8.64 -7.85
CA THR A 252 -5.21 -9.34 -8.94
C THR A 252 -5.62 -10.75 -8.49
N SER A 253 -4.75 -11.47 -7.78
CA SER A 253 -5.16 -12.79 -7.31
C SER A 253 -6.37 -12.63 -6.36
N ARG A 254 -6.40 -11.54 -5.61
CA ARG A 254 -7.48 -11.28 -4.65
C ARG A 254 -8.82 -11.01 -5.36
N GLY A 255 -8.78 -10.35 -6.51
CA GLY A 255 -10.00 -10.08 -7.27
C GLY A 255 -10.66 -11.33 -7.81
N LEU A 256 -9.86 -12.34 -8.16
CA LEU A 256 -10.36 -13.60 -8.70
C LEU A 256 -11.32 -14.29 -7.75
N ARG A 257 -11.03 -14.18 -6.45
CA ARG A 257 -11.84 -14.81 -5.39
C ARG A 257 -13.32 -14.44 -5.43
N THR A 258 -13.63 -13.20 -5.78
CA THR A 258 -15.02 -12.79 -5.88
C THR A 258 -15.46 -12.67 -7.34
N LEU A 259 -14.65 -13.14 -8.28
CA LEU A 259 -15.01 -13.02 -9.70
C LEU A 259 -16.37 -13.64 -10.07
N GLY A 260 -16.67 -14.81 -9.50
CA GLY A 260 -17.92 -15.50 -9.77
C GLY A 260 -19.19 -14.80 -9.32
N VAL A 261 -19.23 -14.35 -8.06
CA VAL A 261 -20.43 -13.67 -7.55
C VAL A 261 -20.60 -12.31 -8.19
N ARG A 262 -19.50 -11.66 -8.57
CA ARG A 262 -19.60 -10.36 -9.23
C ARG A 262 -20.17 -10.50 -10.66
N LEU A 263 -19.58 -11.39 -11.45
CA LEU A 263 -20.02 -11.64 -12.84
C LEU A 263 -21.49 -12.01 -12.95
N ARG A 264 -21.99 -12.81 -12.01
CA ARG A 264 -23.40 -13.23 -12.00
C ARG A 264 -24.32 -12.06 -11.77
N GLN A 265 -23.90 -11.13 -10.93
CA GLN A 265 -24.70 -9.94 -10.68
C GLN A 265 -24.63 -9.01 -11.90
N HIS A 266 -23.44 -8.86 -12.48
CA HIS A 266 -23.23 -8.02 -13.67
C HIS A 266 -24.08 -8.52 -14.85
N HIS A 267 -24.08 -9.83 -15.03
CA HIS A 267 -24.83 -10.48 -16.07
C HIS A 267 -26.33 -10.23 -15.86
N GLU A 268 -26.80 -10.53 -14.67
CA GLU A 268 -28.21 -10.37 -14.34
C GLU A 268 -28.72 -8.93 -14.43
N SER A 269 -27.97 -7.96 -13.92
CA SER A 269 -28.42 -6.57 -13.97
C SER A 269 -28.31 -5.94 -15.36
N SER A 270 -27.25 -6.28 -16.10
CA SER A 270 -27.06 -5.70 -17.43
C SER A 270 -28.09 -6.26 -18.42
N LEU A 271 -28.43 -7.53 -18.27
CA LEU A 271 -29.42 -8.14 -19.13
C LEU A 271 -30.77 -7.48 -18.86
N LYS A 272 -31.08 -7.26 -17.59
CA LYS A 272 -32.34 -6.62 -17.24
C LYS A 272 -32.43 -5.19 -17.78
N VAL A 273 -31.34 -4.43 -17.68
CA VAL A 273 -31.31 -3.07 -18.21
C VAL A 273 -31.44 -3.09 -19.75
N ALA A 274 -30.77 -4.06 -20.39
CA ALA A 274 -30.77 -4.22 -21.86
C ALA A 274 -32.20 -4.45 -22.40
N GLU A 275 -32.92 -5.40 -21.80
CA GLU A 275 -34.30 -5.71 -22.19
C GLU A 275 -35.24 -4.51 -21.98
N TRP A 276 -34.96 -3.70 -20.97
CA TRP A 276 -35.76 -2.51 -20.69
C TRP A 276 -35.48 -1.44 -21.75
N LEU A 277 -34.20 -1.24 -22.10
CA LEU A 277 -33.83 -0.25 -23.12
C LEU A 277 -34.40 -0.63 -24.47
N ALA A 278 -34.33 -1.92 -24.77
CA ALA A 278 -34.80 -2.47 -26.03
C ALA A 278 -36.26 -2.14 -26.29
N GLU A 279 -37.03 -1.96 -25.22
CA GLU A 279 -38.43 -1.64 -25.35
C GLU A 279 -38.68 -0.14 -25.17
N HIS A 280 -37.62 0.63 -24.96
CA HIS A 280 -37.81 2.06 -24.76
C HIS A 280 -38.02 2.83 -26.07
N PRO A 281 -38.97 3.79 -26.09
CA PRO A 281 -39.31 4.63 -27.25
C PRO A 281 -38.17 5.46 -27.85
N GLN A 282 -37.18 5.83 -27.05
CA GLN A 282 -36.10 6.68 -27.55
C GLN A 282 -34.86 5.94 -27.95
N VAL A 283 -34.90 4.63 -27.82
CA VAL A 283 -33.76 3.79 -28.14
C VAL A 283 -33.97 3.13 -29.51
N ALA A 284 -32.97 3.25 -30.37
CA ALA A 284 -33.01 2.68 -31.71
C ALA A 284 -32.52 1.23 -31.71
N ARG A 285 -31.41 0.96 -31.02
CA ARG A 285 -30.85 -0.39 -31.00
C ARG A 285 -30.04 -0.64 -29.71
N VAL A 286 -30.08 -1.87 -29.20
CA VAL A 286 -29.32 -2.23 -28.00
C VAL A 286 -28.27 -3.27 -28.40
N ASN A 287 -27.01 -2.97 -28.13
CA ASN A 287 -25.91 -3.85 -28.46
C ASN A 287 -25.47 -4.63 -27.23
N HIS A 288 -26.15 -5.71 -26.92
CA HIS A 288 -25.75 -6.51 -25.79
C HIS A 288 -25.71 -7.94 -26.32
N PRO A 289 -24.53 -8.58 -26.29
CA PRO A 289 -24.32 -9.96 -26.76
C PRO A 289 -25.37 -11.00 -26.30
N ALA A 290 -25.82 -10.87 -25.07
CA ALA A 290 -26.83 -11.78 -24.49
C ALA A 290 -28.24 -11.45 -24.97
N LEU A 291 -28.39 -10.32 -25.62
CA LEU A 291 -29.69 -9.89 -26.09
C LEU A 291 -29.95 -10.29 -27.54
N PRO A 292 -31.04 -11.03 -27.79
CA PRO A 292 -31.41 -11.48 -29.14
C PRO A 292 -31.46 -10.34 -30.18
N GLY A 293 -30.94 -10.61 -31.38
CA GLY A 293 -30.94 -9.60 -32.43
C GLY A 293 -29.67 -8.77 -32.46
N SER A 294 -28.81 -8.98 -31.46
CA SER A 294 -27.56 -8.26 -31.38
C SER A 294 -26.57 -8.99 -32.29
N LYS A 295 -25.70 -8.23 -32.96
CA LYS A 295 -24.71 -8.81 -33.89
C LYS A 295 -23.85 -9.88 -33.26
N GLY A 296 -23.99 -11.10 -33.77
CA GLY A 296 -23.23 -12.23 -33.28
C GLY A 296 -23.79 -12.85 -32.02
N HIS A 297 -24.99 -12.43 -31.62
CA HIS A 297 -25.64 -12.99 -30.42
C HIS A 297 -25.69 -14.52 -30.47
N GLU A 298 -25.85 -15.03 -31.68
CA GLU A 298 -25.94 -16.47 -31.94
C GLU A 298 -24.65 -17.17 -31.55
N PHE A 299 -23.52 -16.47 -31.71
CA PHE A 299 -22.22 -17.04 -31.37
C PHE A 299 -21.99 -16.91 -29.88
N TRP A 300 -22.46 -15.82 -29.29
CA TRP A 300 -22.34 -15.61 -27.85
C TRP A 300 -23.09 -16.76 -27.17
N LYS A 301 -24.27 -17.04 -27.69
CA LYS A 301 -25.16 -18.09 -27.19
C LYS A 301 -24.52 -19.48 -27.26
N ARG A 302 -23.82 -19.75 -28.35
CA ARG A 302 -23.21 -21.06 -28.55
C ARG A 302 -21.85 -21.21 -27.87
N ASP A 303 -21.05 -20.14 -27.89
CA ASP A 303 -19.69 -20.18 -27.37
C ASP A 303 -19.38 -19.73 -25.93
N PHE A 304 -20.15 -18.76 -25.43
CA PHE A 304 -19.93 -18.23 -24.09
C PHE A 304 -20.76 -18.96 -23.04
N THR A 305 -20.34 -18.83 -21.79
CA THR A 305 -21.05 -19.42 -20.66
C THR A 305 -21.65 -18.31 -19.81
N GLY A 306 -21.62 -17.08 -20.29
CA GLY A 306 -22.17 -15.99 -19.53
C GLY A 306 -21.90 -14.65 -20.18
N SER A 307 -22.26 -13.61 -19.45
CA SER A 307 -22.11 -12.23 -19.89
C SER A 307 -21.51 -11.46 -18.70
N SER A 308 -20.89 -10.34 -19.00
CA SER A 308 -20.32 -9.49 -17.98
C SER A 308 -21.28 -8.31 -18.00
N GLY A 309 -20.85 -7.12 -17.57
CA GLY A 309 -21.79 -6.01 -17.53
C GLY A 309 -21.62 -4.84 -18.47
N LEU A 310 -20.76 -4.96 -19.47
CA LEU A 310 -20.55 -3.85 -20.40
C LEU A 310 -21.33 -4.03 -21.71
N PHE A 311 -21.99 -2.98 -22.18
CA PHE A 311 -22.74 -3.06 -23.43
C PHE A 311 -23.04 -1.63 -23.88
N SER A 312 -23.65 -1.45 -25.05
CA SER A 312 -24.00 -0.11 -25.51
C SER A 312 -25.39 -0.10 -26.15
N PHE A 313 -25.93 1.09 -26.38
CA PHE A 313 -27.22 1.20 -27.07
C PHE A 313 -27.13 2.48 -27.88
N VAL A 314 -27.93 2.56 -28.94
CA VAL A 314 -27.94 3.72 -29.83
C VAL A 314 -29.27 4.45 -29.71
N LEU A 315 -29.22 5.77 -29.51
CA LEU A 315 -30.44 6.57 -29.41
C LEU A 315 -31.06 6.75 -30.81
N LYS A 316 -32.34 7.10 -30.83
CA LYS A 316 -33.04 7.33 -32.10
C LYS A 316 -32.57 8.63 -32.73
N LYS A 317 -32.02 9.53 -31.93
CA LYS A 317 -31.50 10.80 -32.44
C LYS A 317 -30.06 11.12 -32.02
N LYS A 318 -29.43 11.97 -32.81
CA LYS A 318 -28.07 12.38 -32.52
C LYS A 318 -28.17 13.63 -31.66
N LEU A 319 -27.68 13.55 -30.43
CA LEU A 319 -27.74 14.66 -29.51
C LEU A 319 -26.77 15.78 -29.91
N ASN A 320 -27.20 17.02 -29.75
CA ASN A 320 -26.33 18.15 -30.04
C ASN A 320 -25.55 18.43 -28.75
N ASN A 321 -24.56 19.31 -28.83
CA ASN A 321 -23.72 19.62 -27.67
C ASN A 321 -24.48 20.01 -26.38
N GLU A 322 -25.60 20.72 -26.52
CA GLU A 322 -26.38 21.11 -25.35
C GLU A 322 -27.16 19.95 -24.80
N GLU A 323 -27.73 19.15 -25.69
CA GLU A 323 -28.50 17.98 -25.29
C GLU A 323 -27.61 16.98 -24.59
N LEU A 324 -26.38 16.86 -25.08
CA LEU A 324 -25.40 15.93 -24.53
C LEU A 324 -25.01 16.30 -23.11
N ALA A 325 -24.76 17.59 -22.88
CA ALA A 325 -24.38 18.08 -21.56
C ALA A 325 -25.56 17.91 -20.62
N ASN A 326 -26.73 18.30 -21.10
CA ASN A 326 -27.94 18.18 -20.30
C ASN A 326 -28.22 16.74 -19.90
N TYR A 327 -27.96 15.80 -20.81
CA TYR A 327 -28.18 14.39 -20.55
C TYR A 327 -27.13 13.79 -19.61
N LEU A 328 -25.87 13.87 -20.00
CA LEU A 328 -24.79 13.29 -19.21
C LEU A 328 -24.44 13.94 -17.88
N ASP A 329 -24.53 15.26 -17.82
CA ASP A 329 -24.16 15.97 -16.61
C ASP A 329 -25.09 15.78 -15.43
N ASN A 330 -26.30 15.30 -15.66
CA ASN A 330 -27.24 15.18 -14.57
C ASN A 330 -27.63 13.79 -14.07
N PHE A 331 -26.78 12.80 -14.34
CA PHE A 331 -27.03 11.45 -13.87
C PHE A 331 -26.70 11.41 -12.37
N SER A 332 -27.39 10.54 -11.64
CA SER A 332 -27.14 10.43 -10.20
C SER A 332 -26.26 9.24 -9.86
N LEU A 333 -26.52 8.12 -10.52
CA LEU A 333 -25.81 6.87 -10.24
C LEU A 333 -24.74 6.42 -11.23
N PHE A 334 -24.72 6.99 -12.43
CA PHE A 334 -23.72 6.61 -13.43
C PHE A 334 -22.65 7.70 -13.43
N SER A 335 -21.40 7.29 -13.48
CA SER A 335 -20.31 8.25 -13.53
C SER A 335 -19.72 8.25 -14.92
N MET A 336 -19.30 9.41 -15.38
CA MET A 336 -18.61 9.52 -16.66
C MET A 336 -17.13 9.24 -16.38
N ALA A 337 -16.60 8.15 -16.95
CA ALA A 337 -15.21 7.80 -16.75
C ALA A 337 -14.85 6.70 -17.72
N TYR A 338 -13.57 6.53 -17.98
CA TYR A 338 -13.07 5.49 -18.87
C TYR A 338 -12.88 4.22 -18.08
N SER A 339 -12.60 3.14 -18.79
CA SER A 339 -12.44 1.81 -18.21
C SER A 339 -13.80 1.27 -17.75
N TRP A 340 -13.80 0.12 -17.10
CA TRP A 340 -15.03 -0.53 -16.68
C TRP A 340 -14.62 -1.78 -15.93
N GLY A 341 -15.58 -2.63 -15.57
CA GLY A 341 -15.23 -3.86 -14.89
C GLY A 341 -15.20 -3.77 -13.37
N GLY A 342 -15.65 -2.61 -12.87
CA GLY A 342 -15.70 -2.35 -11.44
C GLY A 342 -17.08 -2.46 -10.84
N TYR A 343 -17.21 -2.00 -9.60
CA TYR A 343 -18.45 -2.07 -8.88
C TYR A 343 -19.36 -0.89 -9.14
N GLU A 344 -18.83 0.19 -9.70
CA GLU A 344 -19.70 1.33 -9.96
C GLU A 344 -20.06 1.45 -11.45
N SER A 345 -21.29 1.91 -11.69
CA SER A 345 -21.80 2.04 -13.05
C SER A 345 -21.20 3.24 -13.72
N LEU A 346 -20.92 3.08 -15.02
CA LEU A 346 -20.30 4.13 -15.82
C LEU A 346 -21.07 4.37 -17.12
N ILE A 347 -20.95 5.57 -17.67
CA ILE A 347 -21.61 5.93 -18.90
C ILE A 347 -20.69 6.82 -19.75
N LEU A 348 -20.68 6.59 -21.05
CA LEU A 348 -19.90 7.38 -21.97
C LEU A 348 -20.67 7.45 -23.28
N ALA A 349 -20.67 8.61 -23.93
CA ALA A 349 -21.36 8.78 -25.21
C ALA A 349 -20.32 8.82 -26.35
N ASN A 350 -20.73 8.40 -27.54
CA ASN A 350 -19.86 8.41 -28.71
C ASN A 350 -20.71 8.83 -29.90
N GLN A 351 -20.28 9.84 -30.63
CA GLN A 351 -21.05 10.25 -31.78
C GLN A 351 -20.71 9.31 -32.93
N PRO A 352 -21.60 9.18 -33.94
CA PRO A 352 -21.33 8.28 -35.08
C PRO A 352 -20.01 8.59 -35.82
N GLU A 353 -19.65 9.86 -35.88
CA GLU A 353 -18.41 10.28 -36.55
C GLU A 353 -17.20 9.75 -35.80
N HIS A 354 -17.28 9.74 -34.47
CA HIS A 354 -16.18 9.27 -33.63
C HIS A 354 -15.91 7.81 -33.90
N ILE A 355 -16.97 7.02 -34.03
CA ILE A 355 -16.82 5.59 -34.27
C ILE A 355 -16.35 5.30 -35.69
N ALA A 356 -16.88 6.06 -36.66
CA ALA A 356 -16.53 5.93 -38.06
C ALA A 356 -15.02 6.06 -38.22
N ALA A 357 -14.41 6.93 -37.43
CA ALA A 357 -12.98 7.13 -37.47
C ALA A 357 -12.18 5.93 -36.92
N ILE A 358 -12.77 5.12 -36.07
CA ILE A 358 -12.06 3.98 -35.50
C ILE A 358 -12.53 2.63 -36.02
N ARG A 359 -13.08 2.65 -37.23
CA ARG A 359 -13.56 1.45 -37.90
C ARG A 359 -12.85 1.43 -39.26
N PRO A 360 -11.57 1.05 -39.28
CA PRO A 360 -10.81 1.00 -40.54
C PRO A 360 -11.30 -0.06 -41.53
N GLN A 361 -11.45 0.35 -42.79
CA GLN A 361 -11.87 -0.56 -43.84
C GLN A 361 -13.19 -1.20 -43.45
N GLY A 362 -14.05 -0.38 -42.85
CA GLY A 362 -15.35 -0.83 -42.43
C GLY A 362 -16.31 0.35 -42.52
N GLU A 363 -17.60 0.11 -42.33
CA GLU A 363 -18.59 1.18 -42.38
C GLU A 363 -19.50 1.18 -41.15
N ILE A 364 -19.80 2.36 -40.62
CA ILE A 364 -20.65 2.47 -39.44
C ILE A 364 -22.11 2.29 -39.85
N ASP A 365 -22.91 1.64 -39.02
CA ASP A 365 -24.31 1.46 -39.43
C ASP A 365 -25.42 2.03 -38.56
N PHE A 366 -25.15 3.14 -37.88
CA PHE A 366 -26.16 3.79 -37.05
C PHE A 366 -25.93 5.29 -37.21
N SER A 367 -26.94 6.09 -36.87
CA SER A 367 -26.83 7.54 -37.02
C SER A 367 -27.12 8.31 -35.75
N GLY A 368 -27.61 7.61 -34.73
CA GLY A 368 -27.91 8.26 -33.46
C GLY A 368 -26.70 8.16 -32.53
N THR A 369 -26.73 8.95 -31.46
CA THR A 369 -25.64 8.93 -30.48
C THR A 369 -25.59 7.54 -29.85
N LEU A 370 -24.39 7.02 -29.67
CA LEU A 370 -24.23 5.71 -29.06
C LEU A 370 -23.82 5.95 -27.60
N ILE A 371 -24.46 5.22 -26.69
CA ILE A 371 -24.17 5.34 -25.26
C ILE A 371 -23.62 4.00 -24.78
N ARG A 372 -22.40 4.00 -24.22
CA ARG A 372 -21.83 2.76 -23.67
C ARG A 372 -22.05 2.80 -22.14
N LEU A 373 -22.53 1.69 -21.60
CA LEU A 373 -22.83 1.58 -20.18
C LEU A 373 -22.12 0.43 -19.52
N HIS A 374 -21.61 0.66 -18.32
CA HIS A 374 -21.05 -0.46 -17.57
C HIS A 374 -22.00 -0.57 -16.41
N ILE A 375 -22.60 -1.73 -16.24
CA ILE A 375 -23.55 -1.95 -15.16
C ILE A 375 -22.82 -2.57 -13.97
N GLY A 376 -22.69 -1.76 -12.92
CA GLY A 376 -22.02 -2.18 -11.70
C GLY A 376 -22.85 -3.04 -10.75
N LEU A 377 -22.56 -2.93 -9.46
CA LEU A 377 -23.23 -3.70 -8.40
C LEU A 377 -24.35 -2.97 -7.63
N GLU A 378 -24.69 -1.75 -8.06
CA GLU A 378 -25.78 -1.00 -7.45
C GLU A 378 -27.07 -1.75 -7.70
N ASP A 379 -28.16 -1.26 -7.13
CA ASP A 379 -29.44 -1.89 -7.31
C ASP A 379 -29.91 -1.59 -8.74
N VAL A 380 -30.19 -2.64 -9.53
CA VAL A 380 -30.62 -2.48 -10.92
C VAL A 380 -31.82 -1.55 -11.11
N ASP A 381 -32.80 -1.64 -10.22
CA ASP A 381 -33.98 -0.78 -10.31
C ASP A 381 -33.60 0.70 -10.15
N ASP A 382 -32.61 1.00 -9.28
CA ASP A 382 -32.16 2.38 -9.08
C ASP A 382 -31.45 2.87 -10.35
N LEU A 383 -30.72 1.98 -11.01
CA LEU A 383 -30.00 2.37 -12.23
C LEU A 383 -30.99 2.67 -13.35
N ILE A 384 -32.05 1.87 -13.44
CA ILE A 384 -33.09 2.03 -14.45
C ILE A 384 -33.82 3.33 -14.25
N ALA A 385 -34.13 3.64 -13.00
CA ALA A 385 -34.80 4.88 -12.67
C ALA A 385 -33.93 6.09 -13.10
N ASP A 386 -32.61 5.95 -12.99
CA ASP A 386 -31.66 7.02 -13.36
C ASP A 386 -31.61 7.19 -14.88
N LEU A 387 -31.65 6.07 -15.61
CA LEU A 387 -31.66 6.08 -17.07
C LEU A 387 -32.96 6.72 -17.58
N ASP A 388 -34.09 6.24 -17.04
CA ASP A 388 -35.40 6.76 -17.41
C ASP A 388 -35.44 8.28 -17.24
N ALA A 389 -34.88 8.74 -16.13
CA ALA A 389 -34.82 10.18 -15.84
C ALA A 389 -33.96 10.89 -16.89
N GLY A 390 -32.92 10.21 -17.36
CA GLY A 390 -32.06 10.80 -18.35
C GLY A 390 -32.82 10.99 -19.65
N PHE A 391 -33.62 9.98 -20.02
CA PHE A 391 -34.42 10.04 -21.24
C PHE A 391 -35.35 11.21 -21.19
N ALA A 392 -36.03 11.36 -20.05
CA ALA A 392 -36.96 12.45 -19.84
C ALA A 392 -36.29 13.80 -20.01
N ARG A 393 -34.98 13.82 -19.77
CA ARG A 393 -34.19 15.03 -19.88
C ARG A 393 -33.95 15.45 -21.34
N ILE A 394 -33.90 14.47 -22.25
CA ILE A 394 -33.67 14.76 -23.65
C ILE A 394 -34.93 14.51 -24.49
N VAL A 395 -36.09 14.47 -23.83
CA VAL A 395 -37.38 14.28 -24.50
C VAL A 395 -37.89 15.64 -24.97
N LYS B 4 28.26 -6.29 13.84
CA LYS B 4 29.10 -5.93 15.02
C LYS B 4 28.78 -4.53 15.56
N LYS B 5 29.10 -3.51 14.77
CA LYS B 5 28.82 -2.14 15.20
C LYS B 5 27.34 -1.85 14.86
N LEU B 6 26.83 -0.74 15.40
CA LEU B 6 25.44 -0.33 15.20
C LEU B 6 24.93 -0.38 13.75
N ASP B 7 25.67 0.22 12.81
CA ASP B 7 25.27 0.24 11.41
C ASP B 7 25.09 -1.13 10.81
N THR B 8 25.96 -2.04 11.20
CA THR B 8 25.88 -3.40 10.70
C THR B 8 24.66 -4.10 11.33
N GLN B 9 24.36 -3.74 12.57
CA GLN B 9 23.23 -4.34 13.28
C GLN B 9 21.92 -3.84 12.73
N LEU B 10 21.85 -2.54 12.45
CA LEU B 10 20.68 -1.91 11.89
C LEU B 10 20.32 -2.49 10.52
N VAL B 11 21.33 -2.77 9.73
CA VAL B 11 21.10 -3.34 8.41
C VAL B 11 20.56 -4.77 8.47
N ASN B 12 21.11 -5.61 9.34
CA ASN B 12 20.71 -7.00 9.42
C ASN B 12 19.69 -7.50 10.41
N ALA B 13 19.32 -6.66 11.38
CA ALA B 13 18.38 -7.05 12.45
C ALA B 13 17.02 -7.55 11.96
N GLY B 14 16.67 -8.76 12.39
CA GLY B 14 15.41 -9.38 12.05
C GLY B 14 15.29 -9.99 10.67
N ARG B 15 16.36 -9.92 9.89
CA ARG B 15 16.32 -10.43 8.52
C ARG B 15 16.76 -11.88 8.29
N SER B 16 16.18 -12.82 9.02
CA SER B 16 16.58 -14.21 8.81
C SER B 16 15.77 -14.78 7.66
N LYS B 17 16.32 -15.79 6.99
CA LYS B 17 15.66 -16.38 5.83
C LYS B 17 14.23 -16.79 6.07
N LYS B 18 13.94 -17.16 7.32
CA LYS B 18 12.61 -17.59 7.71
C LYS B 18 11.58 -16.50 7.44
N TYR B 19 11.98 -15.24 7.52
CA TYR B 19 11.05 -14.14 7.31
C TYR B 19 11.17 -13.50 5.92
N THR B 20 12.36 -13.58 5.32
CA THR B 20 12.63 -12.97 4.02
C THR B 20 12.38 -13.89 2.82
N LEU B 21 12.60 -15.19 3.03
CA LEU B 21 12.38 -16.23 2.03
C LEU B 21 13.13 -16.02 0.71
N GLY B 22 14.34 -15.50 0.79
CA GLY B 22 15.11 -15.24 -0.40
C GLY B 22 15.19 -13.76 -0.70
N ALA B 23 14.27 -12.94 -0.19
CA ALA B 23 14.33 -11.50 -0.48
C ALA B 23 15.23 -10.79 0.53
N VAL B 24 15.53 -9.51 0.28
CA VAL B 24 16.35 -8.71 1.19
C VAL B 24 15.50 -8.31 2.40
N ASN B 25 14.28 -7.85 2.14
CA ASN B 25 13.37 -7.45 3.22
C ASN B 25 12.42 -8.59 3.56
N SER B 26 11.84 -8.54 4.76
CA SER B 26 10.91 -9.57 5.19
C SER B 26 9.66 -9.57 4.28
N VAL B 27 8.99 -10.70 4.16
CA VAL B 27 7.77 -10.72 3.34
C VAL B 27 6.66 -10.01 4.12
N ILE B 28 5.65 -9.52 3.40
CA ILE B 28 4.51 -8.90 4.04
C ILE B 28 3.43 -10.00 3.99
N GLN B 29 3.11 -10.58 5.14
CA GLN B 29 2.08 -11.62 5.22
C GLN B 29 0.86 -10.96 5.88
N ARG B 30 -0.11 -10.56 5.06
CA ARG B 30 -1.34 -9.94 5.53
C ARG B 30 -2.31 -11.06 5.88
N ALA B 31 -2.76 -11.10 7.14
CA ALA B 31 -3.66 -12.17 7.55
C ALA B 31 -4.34 -12.00 8.88
N SER B 32 -5.53 -12.59 8.97
CA SER B 32 -6.24 -12.67 10.22
C SER B 32 -6.16 -14.19 10.38
N SER B 33 -6.85 -14.94 9.51
CA SER B 33 -6.80 -16.42 9.58
C SER B 33 -5.44 -16.96 9.17
N LEU B 34 -4.97 -17.96 9.91
CA LEU B 34 -3.72 -18.65 9.63
C LEU B 34 -4.16 -20.11 9.70
N VAL B 35 -3.85 -20.85 8.65
CA VAL B 35 -4.30 -22.22 8.51
C VAL B 35 -3.45 -23.28 9.16
N PHE B 36 -4.09 -24.25 9.80
CA PHE B 36 -3.39 -25.36 10.43
C PHE B 36 -3.58 -26.59 9.55
N ASP B 37 -2.49 -27.26 9.20
CA ASP B 37 -2.57 -28.43 8.33
C ASP B 37 -3.22 -29.63 8.96
N SER B 38 -3.11 -29.73 10.28
CA SER B 38 -3.67 -30.85 10.98
C SER B 38 -3.98 -30.47 12.42
N VAL B 39 -4.65 -31.37 13.14
CA VAL B 39 -4.98 -31.18 14.54
C VAL B 39 -3.63 -31.05 15.27
N GLU B 40 -2.66 -31.87 14.89
CA GLU B 40 -1.35 -31.82 15.52
C GLU B 40 -0.70 -30.44 15.33
N ALA B 41 -0.76 -29.92 14.11
CA ALA B 41 -0.18 -28.62 13.82
C ALA B 41 -0.94 -27.52 14.57
N LYS B 42 -2.24 -27.67 14.72
CA LYS B 42 -3.02 -26.67 15.43
C LYS B 42 -2.66 -26.64 16.92
N LYS B 43 -2.45 -27.82 17.50
CA LYS B 43 -2.10 -27.98 18.92
C LYS B 43 -0.74 -27.34 19.17
N HIS B 44 0.22 -27.65 18.31
CA HIS B 44 1.56 -27.11 18.42
C HIS B 44 1.58 -25.58 18.28
N ALA B 45 0.76 -25.03 17.39
CA ALA B 45 0.69 -23.59 17.19
C ALA B 45 0.02 -22.91 18.40
N THR B 46 -1.00 -23.54 18.95
CA THR B 46 -1.72 -23.00 20.10
C THR B 46 -0.73 -22.86 21.25
N ARG B 47 -0.03 -23.95 21.54
CA ARG B 47 0.97 -23.99 22.61
C ARG B 47 2.11 -22.99 22.41
N ASN B 48 2.36 -22.56 21.17
CA ASN B 48 3.44 -21.63 20.90
C ASN B 48 2.93 -20.35 20.30
N ARG B 49 1.65 -20.09 20.55
CA ARG B 49 0.98 -18.93 19.99
C ARG B 49 1.64 -17.62 20.37
N ALA B 50 2.42 -17.64 21.45
CA ALA B 50 3.11 -16.45 21.93
C ALA B 50 4.63 -16.58 21.80
N ASN B 51 5.08 -17.52 21.02
CA ASN B 51 6.51 -17.72 20.87
C ASN B 51 6.92 -17.80 19.39
N GLY B 52 6.30 -16.97 18.57
CA GLY B 52 6.65 -16.94 17.16
C GLY B 52 6.18 -18.01 16.20
N GLU B 53 5.14 -18.74 16.56
CA GLU B 53 4.59 -19.76 15.65
C GLU B 53 3.29 -19.15 15.12
N LEU B 54 3.06 -19.26 13.82
CA LEU B 54 1.85 -18.70 13.23
C LEU B 54 0.60 -19.31 13.87
N PHE B 55 -0.23 -18.46 14.46
CA PHE B 55 -1.44 -18.93 15.15
C PHE B 55 -2.70 -18.13 14.77
N TYR B 56 -2.61 -16.81 14.88
CA TYR B 56 -3.73 -15.96 14.54
C TYR B 56 -3.20 -14.54 14.33
N GLY B 57 -3.71 -13.84 13.32
CA GLY B 57 -3.26 -12.49 13.04
C GLY B 57 -3.20 -11.50 14.20
N ARG B 58 -4.01 -11.71 15.24
CA ARG B 58 -3.99 -10.77 16.36
C ARG B 58 -2.66 -10.92 17.10
N ARG B 59 -2.09 -12.12 17.07
CA ARG B 59 -0.81 -12.39 17.70
C ARG B 59 0.33 -12.00 16.75
N GLY B 60 0.04 -11.96 15.45
CA GLY B 60 1.02 -11.58 14.44
C GLY B 60 1.31 -12.61 13.37
N THR B 61 1.99 -12.16 12.32
CA THR B 61 2.40 -13.01 11.21
C THR B 61 3.93 -12.88 11.08
N LEU B 62 4.52 -13.57 10.11
CA LEU B 62 5.96 -13.53 9.88
C LEU B 62 6.51 -12.12 9.92
N THR B 63 5.81 -11.18 9.29
CA THR B 63 6.23 -9.78 9.22
C THR B 63 6.37 -9.12 10.60
N HIS B 64 5.47 -9.44 11.52
CA HIS B 64 5.53 -8.86 12.85
C HIS B 64 6.67 -9.47 13.62
N PHE B 65 6.86 -10.79 13.47
CA PHE B 65 7.90 -11.50 14.19
C PHE B 65 9.28 -10.98 13.79
N SER B 66 9.44 -10.60 12.52
CA SER B 66 10.71 -10.08 11.99
C SER B 66 11.07 -8.76 12.69
N LEU B 67 10.07 -7.88 12.80
CA LEU B 67 10.24 -6.60 13.49
C LEU B 67 10.49 -6.81 14.98
N GLN B 68 9.70 -7.67 15.62
CA GLN B 68 9.85 -7.92 17.06
C GLN B 68 11.25 -8.37 17.38
N GLN B 69 11.77 -9.25 16.53
CA GLN B 69 13.12 -9.76 16.67
C GLN B 69 14.18 -8.66 16.45
N ALA B 70 13.94 -7.76 15.50
CA ALA B 70 14.85 -6.66 15.24
C ALA B 70 14.88 -5.71 16.45
N MET B 71 13.71 -5.41 17.00
CA MET B 71 13.61 -4.50 18.15
C MET B 71 14.31 -5.05 19.39
N CYS B 72 14.10 -6.33 19.69
CA CYS B 72 14.72 -6.97 20.84
C CYS B 72 16.24 -6.92 20.72
N GLU B 73 16.72 -7.18 19.52
CA GLU B 73 18.12 -7.20 19.20
C GLU B 73 18.73 -5.82 19.40
N LEU B 74 18.08 -4.80 18.85
CA LEU B 74 18.57 -3.45 18.95
C LEU B 74 18.58 -2.90 20.37
N GLU B 75 17.46 -3.06 21.07
CA GLU B 75 17.33 -2.53 22.42
C GLU B 75 17.72 -3.54 23.50
N GLY B 76 18.05 -4.76 23.09
CA GLY B 76 18.45 -5.77 24.03
C GLY B 76 17.38 -6.24 25.01
N GLY B 77 16.16 -6.42 24.53
CA GLY B 77 15.09 -6.85 25.43
C GLY B 77 14.82 -8.33 25.33
N ALA B 78 13.84 -8.81 26.10
CA ALA B 78 13.45 -10.21 26.06
C ALA B 78 12.21 -10.37 25.17
N GLY B 79 11.48 -9.27 24.99
CA GLY B 79 10.31 -9.30 24.15
C GLY B 79 10.00 -7.89 23.70
N CYS B 80 9.22 -7.77 22.63
CA CYS B 80 8.82 -6.48 22.09
C CYS B 80 7.31 -6.57 21.83
N VAL B 81 6.55 -5.60 22.33
CA VAL B 81 5.11 -5.59 22.13
C VAL B 81 4.80 -4.43 21.19
N LEU B 82 3.88 -4.66 20.26
CA LEU B 82 3.51 -3.68 19.24
C LEU B 82 2.14 -3.06 19.47
N PHE B 83 2.00 -1.80 19.11
CA PHE B 83 0.76 -1.04 19.31
C PHE B 83 0.50 -0.18 18.08
N PRO B 84 -0.74 0.34 17.93
CA PRO B 84 -1.18 1.19 16.81
C PRO B 84 -0.45 2.50 16.67
N CYS B 85 0.09 3.02 17.79
CA CYS B 85 0.81 4.29 17.80
C CYS B 85 1.54 4.45 19.12
N GLY B 86 2.29 5.52 19.28
CA GLY B 86 3.06 5.74 20.50
C GLY B 86 2.18 5.97 21.73
N ALA B 87 1.10 6.72 21.57
CA ALA B 87 0.19 6.98 22.69
C ALA B 87 -0.47 5.66 23.16
N ALA B 88 -0.71 4.75 22.22
CA ALA B 88 -1.30 3.48 22.57
C ALA B 88 -0.31 2.65 23.37
N ALA B 89 0.97 2.79 23.04
CA ALA B 89 2.03 2.06 23.73
C ALA B 89 2.17 2.53 25.20
N VAL B 90 2.11 3.83 25.40
CA VAL B 90 2.23 4.41 26.72
C VAL B 90 1.02 4.04 27.59
N ALA B 91 -0.19 4.29 27.08
CA ALA B 91 -1.41 4.03 27.81
C ALA B 91 -1.64 2.57 28.16
N ASN B 92 -1.37 1.66 27.22
CA ASN B 92 -1.57 0.24 27.46
C ASN B 92 -0.44 -0.39 28.27
N SER B 93 0.76 0.17 28.19
CA SER B 93 1.87 -0.38 28.97
C SER B 93 1.59 -0.11 30.45
N ILE B 94 1.11 1.09 30.76
CA ILE B 94 0.79 1.47 32.13
C ILE B 94 -0.39 0.62 32.62
N LEU B 95 -1.46 0.58 31.83
CA LEU B 95 -2.65 -0.20 32.19
C LEU B 95 -2.35 -1.68 32.50
N ALA B 96 -1.39 -2.25 31.78
CA ALA B 96 -1.02 -3.65 31.97
C ALA B 96 -0.49 -4.01 33.35
N PHE B 97 0.06 -3.04 34.06
CA PHE B 97 0.64 -3.30 35.37
C PHE B 97 -0.11 -2.78 36.61
N ILE B 98 -1.08 -1.88 36.46
CA ILE B 98 -1.81 -1.32 37.60
C ILE B 98 -3.10 -2.02 38.02
N GLU B 99 -3.53 -1.68 39.23
CA GLU B 99 -4.77 -2.19 39.83
C GLU B 99 -5.28 -1.03 40.64
N GLN B 100 -6.57 -1.07 40.98
CA GLN B 100 -7.17 -0.01 41.77
C GLN B 100 -6.35 0.08 43.06
N GLY B 101 -6.03 1.30 43.48
CA GLY B 101 -5.27 1.48 44.69
C GLY B 101 -3.77 1.67 44.50
N ASP B 102 -3.28 1.52 43.28
CA ASP B 102 -1.87 1.70 42.97
C ASP B 102 -1.59 3.18 42.73
N HIS B 103 -0.32 3.55 42.84
CA HIS B 103 0.08 4.93 42.62
C HIS B 103 1.09 4.94 41.47
N VAL B 104 1.00 5.96 40.63
CA VAL B 104 1.87 6.12 39.49
C VAL B 104 2.66 7.39 39.71
N LEU B 105 3.99 7.29 39.61
CA LEU B 105 4.86 8.45 39.76
C LEU B 105 5.39 8.79 38.35
N MET B 106 5.00 9.94 37.81
CA MET B 106 5.40 10.34 36.46
C MET B 106 6.12 11.68 36.39
N THR B 107 7.10 11.81 35.49
CA THR B 107 7.83 13.06 35.33
C THR B 107 6.85 14.13 34.83
N ASN B 108 6.98 15.36 35.32
CA ASN B 108 6.06 16.40 34.88
C ASN B 108 6.38 16.97 33.50
N THR B 109 7.42 16.42 32.87
CA THR B 109 7.82 16.79 31.51
C THR B 109 7.36 15.67 30.54
N ALA B 110 6.48 14.78 31.00
CA ALA B 110 6.00 13.70 30.14
C ALA B 110 5.15 14.31 29.06
N TYR B 111 5.16 13.67 27.90
CA TYR B 111 4.37 14.07 26.76
C TYR B 111 2.94 14.23 27.30
N GLU B 112 2.30 15.35 26.97
CA GLU B 112 0.99 15.69 27.51
C GLU B 112 -0.08 14.60 27.50
N PRO B 113 -0.30 13.92 26.36
CA PRO B 113 -1.32 12.87 26.37
C PRO B 113 -1.00 11.78 27.35
N SER B 114 0.28 11.57 27.65
CA SER B 114 0.67 10.56 28.63
C SER B 114 0.14 10.98 30.00
N GLN B 115 0.20 12.28 30.28
CA GLN B 115 -0.30 12.85 31.53
C GLN B 115 -1.82 12.73 31.60
N ASP B 116 -2.48 13.20 30.55
CA ASP B 116 -3.93 13.15 30.47
C ASP B 116 -4.50 11.77 30.64
N PHE B 117 -3.81 10.75 30.15
CA PHE B 117 -4.25 9.37 30.31
C PHE B 117 -4.35 9.05 31.82
N CYS B 118 -3.29 9.37 32.56
CA CYS B 118 -3.21 9.11 33.98
C CYS B 118 -4.27 9.88 34.77
N SER B 119 -4.42 11.17 34.47
CA SER B 119 -5.36 11.98 35.18
C SER B 119 -6.82 11.92 34.68
N LYS B 120 -7.08 11.34 33.52
CA LYS B 120 -8.47 11.25 33.05
C LYS B 120 -9.01 9.83 33.02
N ILE B 121 -8.16 8.86 32.72
CA ILE B 121 -8.59 7.48 32.65
C ILE B 121 -8.22 6.76 33.95
N LEU B 122 -6.94 6.79 34.30
CA LEU B 122 -6.50 6.10 35.50
C LEU B 122 -7.22 6.52 36.74
N SER B 123 -7.50 7.81 36.87
CA SER B 123 -8.16 8.30 38.07
C SER B 123 -9.53 7.68 38.38
N LYS B 124 -10.31 7.38 37.35
CA LYS B 124 -11.64 6.82 37.54
C LYS B 124 -11.61 5.32 37.82
N LEU B 125 -10.41 4.75 37.82
CA LEU B 125 -10.25 3.34 38.09
C LEU B 125 -9.56 3.13 39.42
N GLY B 126 -9.50 4.20 40.21
CA GLY B 126 -8.90 4.12 41.52
C GLY B 126 -7.39 4.14 41.56
N VAL B 127 -6.77 4.73 40.55
CA VAL B 127 -5.32 4.81 40.51
C VAL B 127 -4.96 6.27 40.65
N THR B 128 -3.98 6.57 41.50
CA THR B 128 -3.56 7.96 41.68
C THR B 128 -2.22 8.24 41.02
N THR B 129 -2.03 9.49 40.63
CA THR B 129 -0.80 9.87 39.96
C THR B 129 -0.23 11.17 40.51
N SER B 130 1.09 11.18 40.73
CA SER B 130 1.75 12.40 41.20
C SER B 130 2.94 12.60 40.27
N TRP B 131 3.50 13.80 40.29
CA TRP B 131 4.61 14.14 39.39
C TRP B 131 5.84 14.59 40.12
N PHE B 132 6.94 14.64 39.38
CA PHE B 132 8.23 15.06 39.93
C PHE B 132 9.02 15.86 38.88
N ASP B 133 10.04 16.59 39.34
CA ASP B 133 10.89 17.40 38.48
C ASP B 133 11.85 16.44 37.80
N PRO B 134 12.15 16.68 36.50
CA PRO B 134 13.07 15.81 35.76
C PRO B 134 14.41 15.73 36.44
N LEU B 135 14.83 16.83 37.04
CA LEU B 135 16.14 16.88 37.70
C LEU B 135 16.21 16.54 39.20
N ILE B 136 15.19 15.85 39.67
CA ILE B 136 15.11 15.44 41.06
C ILE B 136 16.22 14.45 41.44
N GLY B 137 16.70 13.71 40.46
CA GLY B 137 17.76 12.74 40.73
C GLY B 137 17.43 11.79 41.87
N ALA B 138 18.40 11.59 42.77
CA ALA B 138 18.21 10.68 43.91
C ALA B 138 17.19 11.18 44.96
N ASP B 139 16.73 12.42 44.83
CA ASP B 139 15.73 12.97 45.74
C ASP B 139 14.32 12.48 45.40
N ILE B 140 14.21 11.67 44.36
CA ILE B 140 12.92 11.13 43.96
C ILE B 140 12.32 10.28 45.08
N VAL B 141 13.16 9.81 46.01
CA VAL B 141 12.68 9.01 47.14
C VAL B 141 11.60 9.75 47.94
N LYS B 142 11.64 11.07 47.91
CA LYS B 142 10.64 11.85 48.63
C LYS B 142 9.24 11.78 48.02
N HIS B 143 9.08 11.21 46.84
CA HIS B 143 7.76 11.13 46.22
C HIS B 143 7.23 9.70 46.18
N LEU B 144 8.10 8.75 46.51
CA LEU B 144 7.73 7.36 46.52
C LEU B 144 6.80 7.08 47.68
N GLN B 145 5.79 6.26 47.41
CA GLN B 145 4.81 5.87 48.39
C GLN B 145 4.89 4.35 48.50
N PRO B 146 4.23 3.77 49.50
CA PRO B 146 4.26 2.30 49.67
C PRO B 146 3.51 1.60 48.52
N ASN B 147 2.50 2.29 47.97
CA ASN B 147 1.70 1.74 46.88
C ASN B 147 2.12 2.21 45.47
N THR B 148 3.31 2.79 45.36
CA THR B 148 3.83 3.24 44.07
C THR B 148 4.13 1.99 43.23
N LYS B 149 3.42 1.84 42.13
CA LYS B 149 3.61 0.68 41.28
C LYS B 149 4.49 0.96 40.07
N ILE B 150 4.33 2.15 39.48
CA ILE B 150 5.08 2.52 38.29
C ILE B 150 5.76 3.87 38.40
N VAL B 151 7.02 3.94 37.95
CA VAL B 151 7.79 5.18 37.89
C VAL B 151 8.01 5.40 36.41
N PHE B 152 7.45 6.47 35.89
CA PHE B 152 7.52 6.75 34.46
C PHE B 152 8.46 7.90 34.10
N LEU B 153 9.50 7.58 33.35
CA LEU B 153 10.49 8.56 32.93
C LEU B 153 10.33 8.95 31.46
N GLU B 154 10.86 10.10 31.10
CA GLU B 154 10.87 10.57 29.73
C GLU B 154 12.03 11.53 29.60
N SER B 155 13.13 11.05 29.03
CA SER B 155 14.37 11.79 28.88
C SER B 155 14.87 11.72 27.42
N PRO B 156 15.02 12.88 26.74
CA PRO B 156 14.75 14.25 27.20
C PRO B 156 13.27 14.42 27.36
N GLY B 157 12.86 15.40 28.16
CA GLY B 157 11.45 15.64 28.37
C GLY B 157 10.87 16.27 27.14
N SER B 158 9.55 16.19 27.00
CA SER B 158 8.83 16.76 25.87
C SER B 158 8.89 18.27 25.88
N ILE B 159 9.12 18.84 24.69
CA ILE B 159 9.17 20.27 24.48
C ILE B 159 10.37 21.01 25.12
N THR B 160 10.53 20.85 26.43
CA THR B 160 11.57 21.55 27.17
C THR B 160 12.94 20.87 27.25
N MET B 161 13.00 19.61 26.83
CA MET B 161 14.23 18.83 26.71
C MET B 161 15.14 18.50 27.88
N GLU B 162 14.64 18.54 29.11
CA GLU B 162 15.50 18.21 30.26
C GLU B 162 15.93 16.75 30.28
N VAL B 163 17.18 16.49 30.59
CA VAL B 163 17.65 15.12 30.66
C VAL B 163 17.71 14.65 32.13
N HIS B 164 17.16 13.46 32.40
CA HIS B 164 17.16 12.87 33.74
C HIS B 164 18.54 12.36 34.05
N ASP B 165 18.83 12.23 35.33
CA ASP B 165 20.06 11.63 35.78
C ASP B 165 19.51 10.24 36.10
N VAL B 166 19.19 9.48 35.06
CA VAL B 166 18.62 8.15 35.19
C VAL B 166 19.32 7.19 36.16
N PRO B 167 20.66 7.11 36.13
CA PRO B 167 21.34 6.20 37.06
C PRO B 167 21.02 6.51 38.53
N ALA B 168 20.88 7.79 38.85
CA ALA B 168 20.54 8.24 40.20
C ALA B 168 19.10 7.88 40.54
N ILE B 169 18.19 8.12 39.59
CA ILE B 169 16.79 7.83 39.80
C ILE B 169 16.53 6.35 40.02
N VAL B 170 17.11 5.52 39.16
CA VAL B 170 16.93 4.07 39.23
C VAL B 170 17.42 3.50 40.56
N ALA B 171 18.64 3.88 40.95
CA ALA B 171 19.20 3.41 42.21
C ALA B 171 18.33 3.87 43.39
N ALA B 172 17.92 5.14 43.38
CA ALA B 172 17.08 5.67 44.45
C ALA B 172 15.78 4.87 44.58
N VAL B 173 15.10 4.64 43.46
CA VAL B 173 13.85 3.88 43.46
C VAL B 173 14.04 2.43 43.89
N ARG B 174 15.08 1.78 43.39
CA ARG B 174 15.33 0.38 43.73
C ARG B 174 15.67 0.18 45.21
N SER B 175 16.18 1.22 45.86
CA SER B 175 16.54 1.12 47.28
C SER B 175 15.30 1.14 48.14
N VAL B 176 14.27 1.85 47.68
CA VAL B 176 13.00 1.96 48.39
C VAL B 176 11.95 0.95 47.92
N VAL B 177 11.64 0.94 46.63
CA VAL B 177 10.66 0.01 46.07
C VAL B 177 11.32 -0.86 45.00
N PRO B 178 12.03 -1.93 45.39
CA PRO B 178 12.74 -2.84 44.47
C PRO B 178 11.87 -3.37 43.33
N ASP B 179 10.61 -3.67 43.67
CA ASP B 179 9.65 -4.22 42.71
C ASP B 179 8.83 -3.20 41.93
N ALA B 180 9.31 -1.97 41.86
CA ALA B 180 8.58 -0.98 41.09
C ALA B 180 8.82 -1.37 39.62
N ILE B 181 7.91 -0.97 38.73
CA ILE B 181 8.12 -1.22 37.32
C ILE B 181 8.55 0.14 36.77
N ILE B 182 9.83 0.29 36.43
CA ILE B 182 10.29 1.58 35.90
C ILE B 182 10.13 1.54 34.38
N MET B 183 9.51 2.58 33.83
CA MET B 183 9.27 2.66 32.40
C MET B 183 9.83 3.95 31.85
N ILE B 184 10.22 3.94 30.58
CA ILE B 184 10.70 5.18 29.99
C ILE B 184 10.22 5.39 28.54
N ASP B 185 9.82 6.61 28.23
CA ASP B 185 9.45 6.94 26.87
C ASP B 185 10.79 7.34 26.26
N ASN B 186 11.39 6.42 25.50
CA ASN B 186 12.70 6.56 24.88
C ASN B 186 12.63 6.93 23.39
N THR B 187 11.62 7.70 22.99
CA THR B 187 11.43 8.09 21.59
C THR B 187 12.53 8.99 20.99
N TRP B 188 12.95 10.01 21.72
CA TRP B 188 13.96 10.95 21.25
C TRP B 188 15.29 10.28 20.86
N ALA B 189 15.69 9.29 21.64
CA ALA B 189 16.92 8.55 21.38
C ALA B 189 16.71 7.40 20.39
N ALA B 190 15.46 7.19 19.98
CA ALA B 190 15.08 6.11 19.04
C ALA B 190 15.49 4.75 19.57
N GLY B 191 15.54 4.64 20.90
CA GLY B 191 15.91 3.40 21.55
C GLY B 191 17.37 2.98 21.40
N VAL B 192 18.11 3.61 20.50
CA VAL B 192 19.53 3.23 20.28
C VAL B 192 20.57 4.20 20.80
N LEU B 193 20.18 5.47 20.99
CA LEU B 193 21.12 6.49 21.50
C LEU B 193 21.22 6.48 23.05
N PHE B 194 20.34 5.70 23.67
CA PHE B 194 20.29 5.57 25.11
C PHE B 194 19.71 4.21 25.35
N LYS B 195 20.55 3.27 25.78
CA LYS B 195 20.06 1.93 26.02
C LYS B 195 19.39 1.81 27.39
N ALA B 196 18.11 2.14 27.45
CA ALA B 196 17.32 2.06 28.68
C ALA B 196 17.44 0.76 29.49
N LEU B 197 17.32 -0.39 28.84
CA LEU B 197 17.35 -1.66 29.57
C LEU B 197 18.67 -1.98 30.23
N ASP B 198 19.73 -1.29 29.81
CA ASP B 198 21.05 -1.50 30.40
C ASP B 198 21.19 -0.69 31.69
N PHE B 199 20.30 0.27 31.90
CA PHE B 199 20.32 1.12 33.09
C PHE B 199 19.36 0.65 34.17
N GLY B 200 18.84 -0.55 34.01
CA GLY B 200 17.90 -1.09 34.97
C GLY B 200 16.46 -0.67 34.74
N ILE B 201 16.14 -0.11 33.58
CA ILE B 201 14.76 0.25 33.32
C ILE B 201 14.06 -1.04 32.86
N ASP B 202 12.78 -1.21 33.20
CA ASP B 202 12.05 -2.44 32.86
C ASP B 202 11.45 -2.50 31.45
N VAL B 203 10.86 -1.40 31.02
CA VAL B 203 10.22 -1.30 29.72
C VAL B 203 10.66 -0.02 29.01
N SER B 204 11.13 -0.14 27.76
CA SER B 204 11.54 1.01 26.95
C SER B 204 10.45 1.19 25.88
N ILE B 205 9.74 2.31 25.96
CA ILE B 205 8.64 2.64 25.06
C ILE B 205 9.08 3.68 24.01
N GLN B 206 8.60 3.51 22.79
CA GLN B 206 8.91 4.41 21.69
C GLN B 206 7.70 4.64 20.82
N ALA B 207 7.57 5.86 20.33
CA ALA B 207 6.55 6.18 19.37
C ALA B 207 7.43 5.93 18.12
N ALA B 208 7.43 4.69 17.62
CA ALA B 208 8.24 4.35 16.46
C ALA B 208 7.85 5.23 15.26
N THR B 209 6.71 5.91 15.42
CA THR B 209 6.13 6.86 14.49
C THR B 209 7.19 7.90 14.10
N LYS B 210 8.05 8.27 15.05
CA LYS B 210 9.09 9.27 14.81
C LYS B 210 10.28 8.77 13.98
N TYR B 211 11.44 8.59 14.62
CA TYR B 211 12.63 8.17 13.89
C TYR B 211 12.71 6.76 13.31
N LEU B 212 12.11 5.76 13.95
CA LEU B 212 12.21 4.45 13.36
C LEU B 212 11.53 4.44 11.97
N VAL B 213 10.34 5.03 11.86
CA VAL B 213 9.66 5.09 10.56
C VAL B 213 10.42 6.09 9.70
N GLY B 214 10.78 7.21 10.31
CA GLY B 214 11.57 8.26 9.66
C GLY B 214 10.99 9.05 8.50
N HIS B 215 9.75 8.79 8.07
CA HIS B 215 9.23 9.54 6.94
C HIS B 215 7.88 10.21 7.15
N SER B 216 7.39 10.24 8.40
CA SER B 216 6.11 10.90 8.72
C SER B 216 4.86 10.30 8.05
N ASP B 217 4.93 9.02 7.70
CA ASP B 217 3.81 8.39 7.01
C ASP B 217 3.28 7.09 7.61
N ALA B 218 3.61 6.77 8.85
CA ALA B 218 3.11 5.55 9.49
C ALA B 218 3.14 5.76 10.99
N MET B 219 2.22 5.11 11.70
CA MET B 219 2.15 5.26 13.15
C MET B 219 2.23 3.91 13.78
N ILE B 220 3.00 3.82 14.86
CA ILE B 220 3.22 2.57 15.56
C ILE B 220 3.91 2.83 16.90
N GLY B 221 3.64 1.98 17.88
CA GLY B 221 4.27 2.12 19.18
C GLY B 221 4.95 0.82 19.52
N THR B 222 6.07 0.88 20.22
CA THR B 222 6.76 -0.35 20.61
C THR B 222 7.02 -0.33 22.10
N ALA B 223 7.16 -1.51 22.69
CA ALA B 223 7.50 -1.61 24.09
C ALA B 223 8.40 -2.82 24.18
N VAL B 224 9.70 -2.57 24.40
CA VAL B 224 10.68 -3.63 24.54
C VAL B 224 10.82 -3.83 26.06
N CYS B 225 10.66 -5.06 26.52
CA CYS B 225 10.68 -5.39 27.95
C CYS B 225 11.79 -6.32 28.32
N ASN B 226 12.15 -6.29 29.59
CA ASN B 226 13.15 -7.22 30.12
C ASN B 226 12.36 -8.51 30.37
N ALA B 227 13.05 -9.56 30.77
CA ALA B 227 12.41 -10.86 31.00
C ALA B 227 11.37 -10.84 32.11
N ARG B 228 11.64 -10.03 33.12
CA ARG B 228 10.76 -9.90 34.27
C ARG B 228 9.36 -9.39 33.90
N CYS B 229 9.30 -8.41 33.01
CA CYS B 229 8.04 -7.78 32.63
C CYS B 229 7.39 -8.21 31.32
N TRP B 230 8.07 -9.05 30.54
CA TRP B 230 7.53 -9.45 29.25
C TRP B 230 6.13 -10.09 29.18
N GLU B 231 5.96 -11.23 29.83
CA GLU B 231 4.68 -11.94 29.80
C GLU B 231 3.48 -11.11 30.21
N GLN B 232 3.60 -10.36 31.30
CA GLN B 232 2.48 -9.56 31.75
C GLN B 232 2.13 -8.45 30.76
N LEU B 233 3.13 -7.72 30.26
CA LEU B 233 2.84 -6.65 29.30
C LEU B 233 2.20 -7.26 28.06
N ARG B 234 2.81 -8.33 27.55
CA ARG B 234 2.34 -9.04 26.36
C ARG B 234 0.88 -9.51 26.44
N GLU B 235 0.59 -10.31 27.45
CA GLU B 235 -0.74 -10.85 27.62
C GLU B 235 -1.83 -9.84 27.96
N ASN B 236 -1.51 -8.82 28.74
CA ASN B 236 -2.53 -7.82 29.07
C ASN B 236 -2.75 -6.87 27.93
N ALA B 237 -1.72 -6.64 27.12
CA ALA B 237 -1.85 -5.77 25.96
C ALA B 237 -2.67 -6.56 24.94
N TYR B 238 -2.49 -7.88 24.93
CA TYR B 238 -3.22 -8.76 24.03
C TYR B 238 -4.71 -8.80 24.34
N LEU B 239 -5.04 -8.86 25.62
CA LEU B 239 -6.43 -8.87 26.08
C LEU B 239 -7.14 -7.58 25.70
N MET B 240 -6.36 -6.52 25.50
CA MET B 240 -6.89 -5.21 25.09
C MET B 240 -6.92 -5.12 23.54
N GLY B 241 -6.57 -6.22 22.87
CA GLY B 241 -6.57 -6.28 21.41
C GLY B 241 -5.55 -5.39 20.72
N GLN B 242 -4.44 -5.10 21.41
CA GLN B 242 -3.40 -4.24 20.85
C GLN B 242 -2.51 -4.95 19.84
N MET B 243 -2.36 -4.33 18.69
CA MET B 243 -1.54 -4.90 17.62
C MET B 243 -1.34 -3.82 16.57
N VAL B 244 -0.50 -4.11 15.59
CA VAL B 244 -0.27 -3.18 14.51
C VAL B 244 -0.36 -4.00 13.19
N ASP B 245 -0.77 -3.35 12.09
CA ASP B 245 -0.90 -4.06 10.80
C ASP B 245 0.47 -4.47 10.23
N ALA B 246 0.47 -5.56 9.46
CA ALA B 246 1.68 -6.12 8.84
C ALA B 246 2.48 -5.15 7.97
N ASP B 247 1.77 -4.28 7.25
CA ASP B 247 2.42 -3.31 6.39
C ASP B 247 3.19 -2.26 7.17
N THR B 248 2.65 -1.81 8.30
CA THR B 248 3.34 -0.83 9.13
C THR B 248 4.56 -1.50 9.78
N ALA B 249 4.43 -2.77 10.14
CA ALA B 249 5.53 -3.51 10.72
C ALA B 249 6.68 -3.58 9.69
N TYR B 250 6.33 -3.84 8.44
CA TYR B 250 7.30 -3.90 7.34
C TYR B 250 8.04 -2.55 7.14
N ILE B 251 7.27 -1.47 7.10
CA ILE B 251 7.80 -0.14 6.93
C ILE B 251 8.70 0.30 8.08
N THR B 252 8.42 -0.19 9.29
CA THR B 252 9.23 0.16 10.44
C THR B 252 10.55 -0.64 10.38
N SER B 253 10.46 -1.91 10.03
CA SER B 253 11.65 -2.71 9.88
C SER B 253 12.50 -2.02 8.81
N ARG B 254 11.85 -1.58 7.73
CA ARG B 254 12.50 -0.88 6.63
C ARG B 254 13.14 0.43 7.12
N GLY B 255 12.45 1.19 7.98
CA GLY B 255 12.99 2.44 8.51
C GLY B 255 14.29 2.25 9.26
N LEU B 256 14.42 1.13 9.98
CA LEU B 256 15.63 0.81 10.75
C LEU B 256 16.94 0.84 9.94
N ARG B 257 16.86 0.35 8.71
CA ARG B 257 18.02 0.22 7.81
C ARG B 257 18.80 1.50 7.54
N THR B 258 18.12 2.65 7.55
CA THR B 258 18.78 3.92 7.31
C THR B 258 18.82 4.75 8.59
N LEU B 259 18.43 4.17 9.73
CA LEU B 259 18.41 4.89 11.00
C LEU B 259 19.77 5.48 11.39
N GLY B 260 20.85 4.75 11.11
CA GLY B 260 22.17 5.25 11.44
C GLY B 260 22.59 6.48 10.66
N VAL B 261 22.49 6.40 9.34
CA VAL B 261 22.87 7.54 8.50
C VAL B 261 21.96 8.75 8.76
N ARG B 262 20.68 8.52 8.98
CA ARG B 262 19.77 9.65 9.26
C ARG B 262 20.09 10.30 10.61
N LEU B 263 20.23 9.50 11.67
CA LEU B 263 20.54 10.07 13.00
C LEU B 263 21.82 10.89 13.06
N ARG B 264 22.87 10.45 12.35
CA ARG B 264 24.14 11.19 12.33
C ARG B 264 23.93 12.56 11.67
N GLN B 265 23.06 12.61 10.67
CA GLN B 265 22.75 13.85 9.99
C GLN B 265 21.88 14.77 10.88
N HIS B 266 20.91 14.19 11.61
CA HIS B 266 20.06 14.98 12.52
C HIS B 266 20.89 15.59 13.65
N HIS B 267 21.82 14.81 14.18
CA HIS B 267 22.74 15.22 15.24
C HIS B 267 23.65 16.35 14.76
N GLU B 268 24.40 16.07 13.71
CA GLU B 268 25.33 17.02 13.12
C GLU B 268 24.61 18.32 12.78
N SER B 269 23.47 18.23 12.09
CA SER B 269 22.71 19.44 11.72
C SER B 269 22.02 20.24 12.85
N SER B 270 21.34 19.55 13.75
CA SER B 270 20.65 20.26 14.84
C SER B 270 21.64 20.97 15.72
N LEU B 271 22.79 20.34 15.94
CA LEU B 271 23.84 20.89 16.77
C LEU B 271 24.39 22.19 16.20
N LYS B 272 24.58 22.24 14.89
CA LYS B 272 25.08 23.46 14.25
C LYS B 272 24.03 24.55 14.35
N VAL B 273 22.77 24.18 14.24
CA VAL B 273 21.70 25.17 14.35
C VAL B 273 21.62 25.69 15.81
N ALA B 274 21.77 24.78 16.77
CA ALA B 274 21.71 25.10 18.20
C ALA B 274 22.81 26.10 18.57
N GLU B 275 24.04 25.80 18.15
CA GLU B 275 25.18 26.67 18.39
C GLU B 275 24.91 28.06 17.78
N TRP B 276 24.40 28.12 16.55
CA TRP B 276 24.08 29.40 15.92
C TRP B 276 23.01 30.16 16.71
N LEU B 277 21.93 29.47 17.10
CA LEU B 277 20.85 30.08 17.85
C LEU B 277 21.34 30.61 19.19
N ALA B 278 22.21 29.84 19.85
CA ALA B 278 22.77 30.21 21.16
C ALA B 278 23.40 31.57 21.13
N GLU B 279 24.17 31.84 20.09
CA GLU B 279 24.83 33.11 19.93
C GLU B 279 23.95 34.21 19.32
N HIS B 280 22.69 33.89 19.03
CA HIS B 280 21.80 34.90 18.43
C HIS B 280 21.20 35.88 19.45
N PRO B 281 21.21 37.19 19.13
CA PRO B 281 20.72 38.31 19.93
C PRO B 281 19.28 38.21 20.41
N GLN B 282 18.46 37.50 19.66
CA GLN B 282 17.07 37.41 20.02
C GLN B 282 16.68 36.14 20.75
N VAL B 283 17.68 35.30 21.02
CA VAL B 283 17.44 34.03 21.70
C VAL B 283 17.88 34.14 23.13
N ALA B 284 16.96 33.81 24.05
CA ALA B 284 17.24 33.85 25.46
C ALA B 284 18.01 32.62 25.88
N ARG B 285 17.58 31.46 25.38
CA ARG B 285 18.22 30.21 25.74
C ARG B 285 17.90 29.12 24.70
N VAL B 286 18.75 28.11 24.62
CA VAL B 286 18.60 26.99 23.71
C VAL B 286 18.58 25.72 24.55
N ASN B 287 17.52 24.93 24.38
CA ASN B 287 17.34 23.69 25.13
C ASN B 287 17.70 22.53 24.22
N HIS B 288 18.98 22.24 24.10
CA HIS B 288 19.43 21.11 23.30
C HIS B 288 20.33 20.26 24.22
N PRO B 289 19.97 19.00 24.47
CA PRO B 289 20.76 18.12 25.36
C PRO B 289 22.26 18.07 25.07
N ALA B 290 22.63 18.25 23.80
CA ALA B 290 24.05 18.22 23.38
C ALA B 290 24.77 19.56 23.50
N LEU B 291 24.03 20.60 23.85
CA LEU B 291 24.59 21.93 24.01
C LEU B 291 24.90 22.15 25.51
N PRO B 292 26.12 22.62 25.83
CA PRO B 292 26.47 22.86 27.25
C PRO B 292 25.59 23.91 27.91
N GLY B 293 25.38 23.81 29.22
CA GLY B 293 24.54 24.78 29.90
C GLY B 293 23.05 24.49 29.75
N SER B 294 22.75 23.38 29.09
CA SER B 294 21.40 22.93 28.85
C SER B 294 21.08 21.99 30.02
N LYS B 295 19.82 21.93 30.43
CA LYS B 295 19.48 21.07 31.58
C LYS B 295 19.72 19.58 31.38
N GLY B 296 20.64 19.04 32.17
CA GLY B 296 20.97 17.63 32.10
C GLY B 296 22.07 17.29 31.11
N HIS B 297 22.67 18.31 30.49
CA HIS B 297 23.75 18.11 29.50
C HIS B 297 24.82 17.11 29.87
N GLU B 298 25.29 17.18 31.11
CA GLU B 298 26.34 16.27 31.57
C GLU B 298 25.83 14.85 31.73
N PHE B 299 24.53 14.69 31.96
CA PHE B 299 23.96 13.35 32.06
C PHE B 299 23.91 12.81 30.63
N TRP B 300 23.45 13.64 29.68
CA TRP B 300 23.36 13.26 28.26
C TRP B 300 24.72 12.85 27.75
N LYS B 301 25.68 13.73 28.01
CA LYS B 301 27.06 13.52 27.62
C LYS B 301 27.56 12.19 28.18
N ARG B 302 27.17 11.88 29.42
CA ARG B 302 27.59 10.65 30.08
C ARG B 302 26.85 9.36 29.70
N ASP B 303 25.54 9.46 29.54
CA ASP B 303 24.76 8.27 29.29
C ASP B 303 24.35 7.95 27.85
N PHE B 304 24.25 8.97 27.00
CA PHE B 304 23.86 8.75 25.62
C PHE B 304 25.06 8.52 24.73
N THR B 305 24.79 8.08 23.52
CA THR B 305 25.84 7.86 22.54
C THR B 305 25.54 8.67 21.29
N GLY B 306 24.72 9.71 21.42
CA GLY B 306 24.40 10.54 20.30
C GLY B 306 23.22 11.42 20.60
N SER B 307 22.82 12.17 19.59
CA SER B 307 21.71 13.08 19.68
C SER B 307 20.85 12.89 18.42
N SER B 308 19.61 13.34 18.48
CA SER B 308 18.75 13.25 17.33
C SER B 308 18.51 14.71 16.92
N GLY B 309 17.51 14.99 16.09
CA GLY B 309 17.29 16.36 15.64
C GLY B 309 16.25 17.26 16.28
N LEU B 310 15.59 16.83 17.35
CA LEU B 310 14.59 17.69 17.95
C LEU B 310 15.13 18.45 19.14
N PHE B 311 14.75 19.73 19.24
CA PHE B 311 15.16 20.55 20.37
C PHE B 311 14.29 21.81 20.36
N SER B 312 14.49 22.70 21.33
CA SER B 312 13.70 23.93 21.39
C SER B 312 14.57 25.10 21.87
N PHE B 313 14.06 26.31 21.74
CA PHE B 313 14.80 27.46 22.21
C PHE B 313 13.79 28.48 22.67
N VAL B 314 14.25 29.43 23.45
CA VAL B 314 13.38 30.47 24.00
C VAL B 314 13.77 31.82 23.45
N LEU B 315 12.80 32.57 22.94
CA LEU B 315 13.07 33.91 22.45
C LEU B 315 13.16 34.84 23.68
N LYS B 316 13.89 35.94 23.56
CA LYS B 316 14.00 36.88 24.67
C LYS B 316 12.64 37.56 24.89
N LYS B 317 11.85 37.63 23.81
CA LYS B 317 10.54 38.26 23.86
C LYS B 317 9.39 37.25 23.85
N LYS B 318 8.25 37.65 24.42
CA LYS B 318 7.05 36.81 24.40
C LYS B 318 6.22 37.45 23.31
N LEU B 319 6.09 36.77 22.17
CA LEU B 319 5.36 37.30 21.02
C LEU B 319 3.86 37.40 21.22
N ASN B 320 3.27 38.46 20.66
CA ASN B 320 1.83 38.64 20.73
C ASN B 320 1.24 37.92 19.51
N ASN B 321 -0.07 37.99 19.34
CA ASN B 321 -0.75 37.33 18.23
C ASN B 321 -0.31 37.69 16.80
N GLU B 322 -0.15 38.99 16.53
CA GLU B 322 0.25 39.43 15.20
C GLU B 322 1.68 39.01 14.89
N GLU B 323 2.55 39.16 15.89
CA GLU B 323 3.97 38.81 15.74
C GLU B 323 4.15 37.30 15.53
N LEU B 324 3.31 36.51 16.18
CA LEU B 324 3.42 35.06 16.09
C LEU B 324 3.05 34.57 14.69
N ALA B 325 2.00 35.17 14.14
CA ALA B 325 1.51 34.83 12.81
C ALA B 325 2.53 35.29 11.78
N ASN B 326 3.01 36.51 11.92
CA ASN B 326 3.98 37.03 10.96
C ASN B 326 5.27 36.20 10.97
N TYR B 327 5.63 35.69 12.13
CA TYR B 327 6.80 34.86 12.29
C TYR B 327 6.56 33.48 11.66
N LEU B 328 5.59 32.76 12.20
CA LEU B 328 5.27 31.40 11.77
C LEU B 328 4.75 31.19 10.35
N ASP B 329 3.92 32.12 9.88
CA ASP B 329 3.35 32.02 8.56
C ASP B 329 4.31 32.24 7.41
N ASN B 330 5.45 32.90 7.65
CA ASN B 330 6.35 33.18 6.54
C ASN B 330 7.61 32.33 6.34
N PHE B 331 7.68 31.18 6.98
CA PHE B 331 8.81 30.27 6.83
C PHE B 331 8.65 29.52 5.49
N SER B 332 9.77 29.20 4.84
CA SER B 332 9.68 28.47 3.58
C SER B 332 10.24 27.06 3.63
N LEU B 333 11.12 26.80 4.59
CA LEU B 333 11.74 25.48 4.76
C LEU B 333 11.25 24.67 5.99
N PHE B 334 10.72 25.36 7.00
CA PHE B 334 10.19 24.72 8.20
C PHE B 334 8.67 24.69 8.07
N SER B 335 8.06 23.52 8.14
CA SER B 335 6.60 23.41 8.06
C SER B 335 6.01 23.40 9.47
N MET B 336 4.79 23.91 9.63
CA MET B 336 4.11 23.87 10.92
C MET B 336 3.38 22.55 10.94
N ALA B 337 3.69 21.69 11.89
CA ALA B 337 3.02 20.41 12.00
C ALA B 337 3.41 19.72 13.30
N TYR B 338 2.58 18.77 13.71
CA TYR B 338 2.84 17.98 14.90
C TYR B 338 3.75 16.82 14.56
N SER B 339 4.22 16.13 15.57
CA SER B 339 5.14 15.04 15.40
C SER B 339 6.51 15.54 14.93
N TRP B 340 7.41 14.62 14.67
CA TRP B 340 8.75 14.94 14.27
C TRP B 340 9.41 13.61 13.94
N GLY B 341 10.73 13.60 13.74
CA GLY B 341 11.42 12.36 13.43
C GLY B 341 11.53 11.99 11.95
N GLY B 342 11.00 12.83 11.08
CA GLY B 342 11.07 12.54 9.67
C GLY B 342 12.19 13.27 8.95
N TYR B 343 12.07 13.36 7.62
CA TYR B 343 13.09 14.01 6.81
C TYR B 343 12.89 15.52 6.67
N GLU B 344 11.69 16.04 6.91
CA GLU B 344 11.49 17.47 6.80
C GLU B 344 11.53 18.18 8.16
N SER B 345 11.99 19.42 8.11
CA SER B 345 12.13 20.30 9.26
C SER B 345 10.77 20.87 9.65
N LEU B 346 10.46 20.83 10.95
CA LEU B 346 9.19 21.33 11.47
C LEU B 346 9.42 22.36 12.56
N ILE B 347 8.42 23.21 12.76
CA ILE B 347 8.48 24.26 13.75
C ILE B 347 7.11 24.38 14.45
N LEU B 348 7.13 24.55 15.77
CA LEU B 348 5.93 24.72 16.59
C LEU B 348 6.29 25.74 17.67
N ALA B 349 5.36 26.61 18.02
CA ALA B 349 5.59 27.61 19.06
C ALA B 349 4.67 27.35 20.27
N ASN B 350 5.16 27.70 21.47
CA ASN B 350 4.42 27.54 22.71
C ASN B 350 4.62 28.74 23.60
N GLN B 351 3.53 29.28 24.15
CA GLN B 351 3.67 30.39 25.05
C GLN B 351 3.99 29.82 26.42
N PRO B 352 4.65 30.60 27.29
CA PRO B 352 5.00 30.13 28.64
C PRO B 352 3.78 29.56 29.40
N GLU B 353 2.65 30.24 29.31
CA GLU B 353 1.44 29.80 29.99
C GLU B 353 0.93 28.43 29.52
N HIS B 354 1.22 28.07 28.27
CA HIS B 354 0.78 26.78 27.74
C HIS B 354 1.61 25.72 28.42
N ILE B 355 2.93 25.96 28.49
CA ILE B 355 3.83 24.99 29.11
C ILE B 355 3.57 24.89 30.63
N ALA B 356 3.35 26.04 31.26
CA ALA B 356 3.09 26.09 32.70
C ALA B 356 1.85 25.24 32.99
N ALA B 357 0.86 25.35 32.11
CA ALA B 357 -0.38 24.59 32.21
C ALA B 357 -0.14 23.09 32.18
N ILE B 358 0.95 22.64 31.57
CA ILE B 358 1.21 21.21 31.53
C ILE B 358 2.42 20.74 32.33
N ARG B 359 2.84 21.58 33.27
CA ARG B 359 3.96 21.24 34.15
C ARG B 359 3.44 21.06 35.60
N PRO B 360 2.79 19.91 35.86
CA PRO B 360 2.21 19.55 37.15
C PRO B 360 3.20 19.57 38.30
N GLN B 361 2.81 20.25 39.39
CA GLN B 361 3.63 20.33 40.61
C GLN B 361 5.03 20.83 40.32
N GLY B 362 5.14 21.66 39.29
CA GLY B 362 6.43 22.20 38.94
C GLY B 362 6.27 23.63 38.49
N GLU B 363 7.41 24.32 38.41
CA GLU B 363 7.46 25.70 37.96
C GLU B 363 8.37 25.71 36.74
N ILE B 364 7.97 26.45 35.71
CA ILE B 364 8.77 26.55 34.50
C ILE B 364 9.82 27.62 34.77
N ASP B 365 10.85 27.65 33.94
CA ASP B 365 11.93 28.62 34.15
C ASP B 365 12.18 29.61 33.02
N PHE B 366 11.14 30.04 32.30
CA PHE B 366 11.28 31.00 31.20
C PHE B 366 10.04 31.87 31.06
N SER B 367 10.16 32.99 30.33
CA SER B 367 9.04 33.89 30.15
C SER B 367 8.80 34.32 28.69
N GLY B 368 9.70 33.95 27.80
CA GLY B 368 9.53 34.30 26.40
C GLY B 368 8.88 33.15 25.64
N THR B 369 8.57 33.37 24.37
CA THR B 369 7.94 32.35 23.54
C THR B 369 8.94 31.22 23.29
N LEU B 370 8.48 29.98 23.44
CA LEU B 370 9.35 28.83 23.22
C LEU B 370 9.09 28.26 21.81
N ILE B 371 10.15 27.98 21.07
CA ILE B 371 10.01 27.43 19.74
C ILE B 371 10.64 26.05 19.73
N ARG B 372 9.89 25.06 19.27
CA ARG B 372 10.41 23.69 19.18
C ARG B 372 10.74 23.43 17.70
N LEU B 373 11.94 22.95 17.45
CA LEU B 373 12.33 22.69 16.09
C LEU B 373 12.73 21.27 15.87
N HIS B 374 12.31 20.74 14.73
CA HIS B 374 12.76 19.42 14.34
C HIS B 374 13.65 19.68 13.12
N ILE B 375 14.94 19.38 13.24
CA ILE B 375 15.87 19.57 12.15
C ILE B 375 15.93 18.33 11.28
N GLY B 376 15.41 18.48 10.06
CA GLY B 376 15.38 17.38 9.11
C GLY B 376 16.67 17.16 8.31
N LEU B 377 16.52 16.66 7.10
CA LEU B 377 17.66 16.36 6.24
C LEU B 377 18.02 17.41 5.17
N GLU B 378 17.41 18.59 5.26
CA GLU B 378 17.68 19.67 4.31
C GLU B 378 19.10 20.19 4.55
N ASP B 379 19.57 21.07 3.66
CA ASP B 379 20.91 21.62 3.85
C ASP B 379 20.81 22.59 5.03
N VAL B 380 21.67 22.37 6.03
CA VAL B 380 21.67 23.17 7.25
C VAL B 380 21.83 24.68 7.05
N ASP B 381 22.60 25.09 6.05
CA ASP B 381 22.77 26.53 5.79
C ASP B 381 21.49 27.14 5.24
N ASP B 382 20.69 26.31 4.57
CA ASP B 382 19.41 26.74 4.03
C ASP B 382 18.44 26.89 5.22
N LEU B 383 18.55 25.96 6.17
CA LEU B 383 17.69 26.00 7.35
C LEU B 383 18.02 27.24 8.20
N ILE B 384 19.31 27.48 8.42
CA ILE B 384 19.78 28.63 9.19
C ILE B 384 19.32 29.95 8.57
N ALA B 385 19.33 30.00 7.22
CA ALA B 385 18.89 31.17 6.48
C ALA B 385 17.38 31.43 6.66
N ASP B 386 16.60 30.35 6.63
CA ASP B 386 15.17 30.48 6.83
C ASP B 386 14.86 31.06 8.24
N LEU B 387 15.55 30.56 9.27
CA LEU B 387 15.36 31.03 10.66
C LEU B 387 15.75 32.49 10.79
N ASP B 388 16.91 32.83 10.22
CA ASP B 388 17.40 34.19 10.25
C ASP B 388 16.40 35.17 9.61
N ALA B 389 15.67 34.73 8.59
CA ALA B 389 14.67 35.59 7.98
C ALA B 389 13.50 35.72 8.97
N GLY B 390 13.26 34.67 9.75
CA GLY B 390 12.18 34.70 10.72
C GLY B 390 12.50 35.73 11.80
N PHE B 391 13.76 35.72 12.26
CA PHE B 391 14.22 36.66 13.28
C PHE B 391 14.04 38.09 12.81
N ALA B 392 14.28 38.32 11.54
CA ALA B 392 14.13 39.65 10.97
C ALA B 392 12.67 40.12 10.92
N ARG B 393 11.71 39.18 10.88
CA ARG B 393 10.30 39.56 10.85
C ARG B 393 9.81 39.92 12.26
N ILE B 394 10.56 39.50 13.26
CA ILE B 394 10.22 39.76 14.65
C ILE B 394 10.78 41.12 15.13
N VAL B 395 11.94 41.52 14.62
CA VAL B 395 12.56 42.80 15.02
C VAL B 395 11.74 44.06 14.66
#